data_2F49
#
_entry.id   2F49
#
_cell.length_a   94.622
_cell.length_b   95.210
_cell.length_c   101.662
_cell.angle_alpha   90.00
_cell.angle_beta   90.00
_cell.angle_gamma   90.00
#
_symmetry.space_group_name_H-M   'P 21 21 21'
#
loop_
_entity.id
_entity.type
_entity.pdbx_description
1 polymer 'Mitogen-activated protein kinase FUS3'
2 polymer 'STE5 peptide'
3 non-polymer 'MAGNESIUM ION'
4 non-polymer 'THIOCYANATE ION'
5 water water
#
loop_
_entity_poly.entity_id
_entity_poly.type
_entity_poly.pdbx_seq_one_letter_code
_entity_poly.pdbx_strand_id
1 'polypeptide(L)'
;MPKRIVYNISSDFQLKSLLGEGAYGVVCSATHKPTGEIVAIKKIEPFDKPLFALRTLREIKILKHFKHENIITIFNIQRP
DSFENFNEVYIIQELMQTDLHRVISTQMLSDDHIQYFIYQTLRAVKVLHGSNVIHRDLKPSNLLINSNCDLKVCDFGLAR
IIDESAADNSEPTGQQSGMVEFVATRWYRAPEVMLTSAKYSRAMDVWSCGCILAELFLRRPIFPGRDYRHQLLLIFGIIG
TPHSDNDLRCIESPRAREYIKSLPMYPAAPLEKMFPRVNPKGIDLLQRMLVFDPAKRITAKEALEHPYLQTYHDPNDEPE
GEPIPPSFFEFDHYKEALTTKDLKKLIWNEIFS
;
A,B
2 'polypeptide(L)' TPVERQTIYSQAPSLNPNLILAAPPKERNQ C
#
# COMPACT_ATOMS: atom_id res chain seq x y z
N LYS A 3 20.84 -9.76 -10.10
CA LYS A 3 21.91 -10.67 -10.63
C LYS A 3 21.86 -12.07 -10.03
N ARG A 4 21.96 -12.18 -8.71
CA ARG A 4 21.92 -13.49 -8.07
C ARG A 4 20.51 -13.77 -7.54
N ILE A 5 19.76 -14.59 -8.27
CA ILE A 5 18.39 -14.93 -7.88
C ILE A 5 18.32 -16.35 -7.35
N VAL A 6 17.76 -16.49 -6.16
CA VAL A 6 17.64 -17.80 -5.56
C VAL A 6 16.20 -18.24 -5.49
N TYR A 7 15.94 -19.47 -5.92
CA TYR A 7 14.62 -20.04 -5.84
C TYR A 7 14.79 -21.30 -5.02
N ASN A 8 14.04 -21.40 -3.94
CA ASN A 8 14.05 -22.56 -3.07
C ASN A 8 12.78 -23.33 -3.49
N ILE A 9 12.90 -24.18 -4.51
CA ILE A 9 11.76 -24.91 -5.05
C ILE A 9 12.09 -26.35 -5.30
N SER A 10 11.07 -27.12 -5.70
CA SER A 10 11.21 -28.54 -5.99
C SER A 10 12.35 -28.79 -6.97
N SER A 11 13.13 -29.84 -6.70
CA SER A 11 14.23 -30.18 -7.60
C SER A 11 13.67 -30.68 -8.93
N ASP A 12 12.34 -30.80 -9.04
CA ASP A 12 11.70 -31.23 -10.29
C ASP A 12 11.72 -30.11 -11.33
N PHE A 13 11.93 -28.88 -10.86
CA PHE A 13 12.00 -27.73 -11.75
C PHE A 13 13.45 -27.31 -11.97
N GLN A 14 13.73 -26.75 -13.15
CA GLN A 14 15.06 -26.23 -13.45
C GLN A 14 14.83 -24.84 -14.06
N LEU A 15 15.27 -23.81 -13.36
CA LEU A 15 15.10 -22.44 -13.85
C LEU A 15 15.78 -22.27 -15.20
N LYS A 16 15.11 -21.60 -16.14
CA LYS A 16 15.68 -21.34 -17.46
C LYS A 16 16.18 -19.89 -17.53
N SER A 17 15.26 -18.92 -17.58
CA SER A 17 15.71 -17.53 -17.60
C SER A 17 14.83 -16.56 -16.85
N LEU A 18 15.45 -15.45 -16.46
CA LEU A 18 14.79 -14.37 -15.73
C LEU A 18 13.86 -13.70 -16.72
N LEU A 19 12.59 -13.62 -16.39
CA LEU A 19 11.61 -12.99 -17.28
C LEU A 19 11.25 -11.58 -16.86
N GLY A 20 11.34 -11.30 -15.56
CA GLY A 20 10.98 -9.99 -15.09
C GLY A 20 11.26 -9.82 -13.62
N GLU A 21 11.52 -8.58 -13.24
CA GLU A 21 11.83 -8.23 -11.88
C GLU A 21 11.01 -6.97 -11.58
N GLY A 22 9.99 -7.13 -10.74
CA GLY A 22 9.15 -6.01 -10.38
C GLY A 22 9.17 -5.73 -8.90
N ALA A 23 8.28 -4.85 -8.46
CA ALA A 23 8.19 -4.50 -7.05
C ALA A 23 7.69 -5.72 -6.30
N TYR A 24 6.77 -6.44 -6.95
CA TYR A 24 6.19 -7.63 -6.38
C TYR A 24 7.23 -8.73 -6.12
N GLY A 25 8.23 -8.82 -7.00
CA GLY A 25 9.25 -9.84 -6.86
C GLY A 25 9.76 -10.20 -8.26
N VAL A 26 10.09 -11.47 -8.49
CA VAL A 26 10.60 -11.89 -9.80
C VAL A 26 9.88 -13.07 -10.39
N VAL A 27 9.99 -13.23 -11.71
CA VAL A 27 9.37 -14.33 -12.41
C VAL A 27 10.37 -14.92 -13.42
N CYS A 28 10.50 -16.23 -13.39
CA CYS A 28 11.42 -16.95 -14.26
C CYS A 28 10.69 -18.05 -15.03
N SER A 29 11.18 -18.38 -16.22
CA SER A 29 10.61 -19.49 -16.97
C SER A 29 11.34 -20.67 -16.36
N ALA A 30 10.73 -21.85 -16.41
CA ALA A 30 11.35 -23.05 -15.88
C ALA A 30 10.83 -24.29 -16.57
N THR A 31 11.62 -25.34 -16.56
CA THR A 31 11.22 -26.61 -17.15
C THR A 31 10.88 -27.59 -16.04
N HIS A 32 9.71 -28.20 -16.13
CA HIS A 32 9.36 -29.23 -15.15
C HIS A 32 10.03 -30.48 -15.74
N LYS A 33 11.19 -30.83 -15.22
CA LYS A 33 11.99 -31.98 -15.70
C LYS A 33 11.26 -33.27 -16.07
N PRO A 34 10.46 -33.82 -15.14
CA PRO A 34 9.72 -35.06 -15.39
C PRO A 34 8.90 -35.08 -16.68
N THR A 35 8.30 -33.94 -17.02
CA THR A 35 7.46 -33.86 -18.22
C THR A 35 7.99 -33.00 -19.35
N GLY A 36 9.02 -32.21 -19.07
CA GLY A 36 9.57 -31.31 -20.07
C GLY A 36 8.72 -30.06 -20.29
N GLU A 37 7.59 -29.99 -19.61
CA GLU A 37 6.70 -28.83 -19.75
C GLU A 37 7.33 -27.55 -19.22
N ILE A 38 7.06 -26.45 -19.90
CA ILE A 38 7.62 -25.18 -19.52
C ILE A 38 6.58 -24.39 -18.75
N VAL A 39 7.01 -23.71 -17.69
CA VAL A 39 6.11 -22.93 -16.85
C VAL A 39 6.80 -21.62 -16.46
N ALA A 40 6.01 -20.73 -15.86
CA ALA A 40 6.55 -19.50 -15.31
C ALA A 40 6.43 -19.70 -13.80
N ILE A 41 7.47 -19.33 -13.06
CA ILE A 41 7.45 -19.45 -11.62
C ILE A 41 7.74 -18.08 -11.03
N LYS A 42 6.75 -17.54 -10.32
CA LYS A 42 6.83 -16.23 -9.66
C LYS A 42 7.30 -16.39 -8.23
N LYS A 43 8.36 -15.67 -7.87
CA LYS A 43 8.85 -15.71 -6.49
C LYS A 43 8.46 -14.36 -5.86
N ILE A 44 7.60 -14.40 -4.86
CA ILE A 44 7.14 -13.18 -4.20
C ILE A 44 7.58 -13.19 -2.72
N GLU A 45 8.00 -12.04 -2.19
CA GLU A 45 8.41 -11.89 -0.78
C GLU A 45 7.58 -10.70 -0.38
N PRO A 46 6.28 -10.94 -0.14
CA PRO A 46 5.33 -9.90 0.21
C PRO A 46 5.17 -9.49 1.65
N PHE A 47 5.82 -10.18 2.58
CA PHE A 47 5.54 -9.85 3.97
C PHE A 47 6.10 -8.60 4.60
N ASP A 48 6.92 -7.89 3.86
CA ASP A 48 7.44 -6.63 4.37
C ASP A 48 6.84 -5.53 3.49
N LYS A 49 5.92 -5.93 2.60
CA LYS A 49 5.26 -5.01 1.68
C LYS A 49 3.76 -5.36 1.71
N PRO A 50 3.03 -4.84 2.73
CA PRO A 50 1.60 -5.04 2.98
C PRO A 50 0.70 -4.96 1.75
N LEU A 51 0.84 -3.86 1.03
CA LEU A 51 0.04 -3.65 -0.15
C LEU A 51 0.21 -4.81 -1.14
N PHE A 52 1.43 -5.27 -1.32
CA PHE A 52 1.64 -6.37 -2.25
C PHE A 52 1.18 -7.70 -1.71
N ALA A 53 1.19 -7.86 -0.39
CA ALA A 53 0.69 -9.11 0.19
C ALA A 53 -0.82 -9.19 -0.10
N LEU A 54 -1.53 -8.08 0.08
CA LEU A 54 -2.97 -8.09 -0.18
C LEU A 54 -3.29 -8.28 -1.66
N ARG A 55 -2.51 -7.64 -2.54
CA ARG A 55 -2.74 -7.81 -3.97
C ARG A 55 -2.44 -9.24 -4.41
N THR A 56 -1.42 -9.85 -3.83
CA THR A 56 -1.07 -11.23 -4.13
C THR A 56 -2.22 -12.15 -3.68
N LEU A 57 -2.81 -11.89 -2.53
CA LEU A 57 -3.92 -12.69 -2.04
C LEU A 57 -5.13 -12.64 -3.01
N ARG A 58 -5.47 -11.44 -3.49
CA ARG A 58 -6.59 -11.35 -4.42
C ARG A 58 -6.31 -12.14 -5.69
N GLU A 59 -5.08 -12.00 -6.17
CA GLU A 59 -4.66 -12.64 -7.40
C GLU A 59 -4.74 -14.15 -7.27
N ILE A 60 -4.21 -14.69 -6.19
CA ILE A 60 -4.26 -16.13 -6.00
C ILE A 60 -5.71 -16.63 -5.95
N LYS A 61 -6.55 -15.99 -5.14
CA LYS A 61 -7.94 -16.45 -5.03
C LYS A 61 -8.70 -16.43 -6.36
N ILE A 62 -8.54 -15.36 -7.13
CA ILE A 62 -9.23 -15.28 -8.40
C ILE A 62 -8.70 -16.28 -9.45
N LEU A 63 -7.37 -16.39 -9.60
CA LEU A 63 -6.85 -17.33 -10.61
C LEU A 63 -7.20 -18.77 -10.26
N LYS A 64 -7.20 -19.09 -8.98
CA LYS A 64 -7.54 -20.45 -8.56
C LYS A 64 -9.01 -20.75 -8.82
N HIS A 65 -9.84 -19.72 -8.78
CA HIS A 65 -11.27 -19.88 -8.97
C HIS A 65 -11.72 -20.10 -10.42
N PHE A 66 -11.15 -19.34 -11.33
CA PHE A 66 -11.56 -19.43 -12.74
C PHE A 66 -10.89 -20.51 -13.57
N LYS A 67 -11.64 -21.08 -14.52
CA LYS A 67 -11.13 -22.06 -15.46
C LYS A 67 -11.72 -21.55 -16.76
N HIS A 68 -11.07 -20.54 -17.32
CA HIS A 68 -11.57 -19.86 -18.50
C HIS A 68 -10.43 -19.63 -19.48
N GLU A 69 -10.71 -19.68 -20.78
CA GLU A 69 -9.68 -19.51 -21.80
C GLU A 69 -8.99 -18.15 -21.85
N ASN A 70 -9.67 -17.14 -21.35
CA ASN A 70 -9.10 -15.79 -21.37
C ASN A 70 -8.67 -15.23 -20.01
N ILE A 71 -8.35 -16.13 -19.08
CA ILE A 71 -7.87 -15.72 -17.77
C ILE A 71 -6.70 -16.64 -17.48
N ILE A 72 -5.58 -16.06 -17.09
CA ILE A 72 -4.36 -16.81 -16.79
C ILE A 72 -4.56 -18.03 -15.89
N THR A 73 -3.96 -19.15 -16.27
CA THR A 73 -4.06 -20.37 -15.47
C THR A 73 -2.92 -20.50 -14.47
N ILE A 74 -3.29 -20.86 -13.25
CA ILE A 74 -2.33 -21.09 -12.20
C ILE A 74 -2.26 -22.61 -12.09
N PHE A 75 -1.05 -23.16 -12.02
CA PHE A 75 -0.87 -24.62 -11.93
C PHE A 75 -0.74 -25.09 -10.48
N ASN A 76 0.02 -24.35 -9.69
CA ASN A 76 0.20 -24.72 -8.31
C ASN A 76 0.91 -23.63 -7.52
N ILE A 77 0.87 -23.79 -6.21
CA ILE A 77 1.52 -22.85 -5.32
C ILE A 77 2.30 -23.70 -4.35
N GLN A 78 3.58 -23.40 -4.17
CA GLN A 78 4.39 -24.17 -3.25
C GLN A 78 3.79 -24.12 -1.85
N ARG A 79 3.70 -25.27 -1.18
CA ARG A 79 3.16 -25.25 0.17
C ARG A 79 4.36 -25.13 1.12
N PRO A 80 4.38 -24.08 1.96
CA PRO A 80 5.52 -23.95 2.87
C PRO A 80 5.52 -25.00 3.98
N ASP A 81 6.67 -25.32 4.57
CA ASP A 81 6.69 -26.34 5.60
C ASP A 81 6.50 -25.82 7.03
N SER A 82 6.66 -24.52 7.24
CA SER A 82 6.49 -23.96 8.57
C SER A 82 6.05 -22.49 8.48
N PHE A 83 5.07 -22.11 9.30
CA PHE A 83 4.58 -20.74 9.31
C PHE A 83 5.68 -19.78 9.71
N GLU A 84 6.52 -20.24 10.64
CA GLU A 84 7.64 -19.46 11.16
C GLU A 84 8.62 -19.02 10.09
N ASN A 85 8.99 -19.92 9.20
CA ASN A 85 9.94 -19.56 8.16
C ASN A 85 9.25 -19.35 6.83
N PHE A 86 8.00 -18.92 6.88
CA PHE A 86 7.24 -18.67 5.66
C PHE A 86 7.55 -17.22 5.24
N ASN A 87 8.45 -17.07 4.29
CA ASN A 87 8.85 -15.74 3.84
C ASN A 87 8.72 -15.51 2.35
N GLU A 88 8.63 -16.58 1.58
CA GLU A 88 8.51 -16.48 0.13
C GLU A 88 7.30 -17.23 -0.36
N VAL A 89 6.67 -16.73 -1.43
CA VAL A 89 5.53 -17.39 -2.02
C VAL A 89 5.93 -17.72 -3.46
N TYR A 90 5.82 -19.00 -3.83
CA TYR A 90 6.15 -19.43 -5.20
C TYR A 90 4.88 -19.83 -5.91
N ILE A 91 4.59 -19.10 -6.99
CA ILE A 91 3.42 -19.43 -7.78
C ILE A 91 3.87 -20.03 -9.13
N ILE A 92 3.37 -21.21 -9.46
CA ILE A 92 3.68 -21.86 -10.74
C ILE A 92 2.47 -21.64 -11.65
N GLN A 93 2.68 -20.90 -12.75
CA GLN A 93 1.60 -20.59 -13.67
C GLN A 93 2.01 -20.75 -15.14
N GLU A 94 1.05 -20.55 -16.03
CA GLU A 94 1.38 -20.70 -17.44
C GLU A 94 2.24 -19.53 -17.92
N LEU A 95 3.18 -19.85 -18.79
CA LEU A 95 4.08 -18.88 -19.34
C LEU A 95 3.43 -18.26 -20.58
N MET A 96 3.34 -16.94 -20.61
CA MET A 96 2.76 -16.24 -21.74
C MET A 96 3.92 -15.54 -22.46
N GLN A 97 3.84 -15.43 -23.79
CA GLN A 97 4.92 -14.84 -24.56
C GLN A 97 5.18 -13.36 -24.37
N THR A 98 4.12 -12.57 -24.40
CA THR A 98 4.25 -11.12 -24.32
C THR A 98 2.95 -10.50 -23.77
N ASP A 99 2.70 -9.24 -24.09
CA ASP A 99 1.47 -8.60 -23.64
C ASP A 99 1.03 -7.60 -24.69
N LEU A 100 -0.21 -7.13 -24.58
CA LEU A 100 -0.77 -6.22 -25.59
C LEU A 100 -0.03 -4.89 -25.68
N HIS A 101 0.57 -4.45 -24.58
CA HIS A 101 1.31 -3.20 -24.63
C HIS A 101 2.49 -3.39 -25.59
N ARG A 102 3.24 -4.45 -25.37
CA ARG A 102 4.38 -4.76 -26.23
C ARG A 102 3.94 -5.00 -27.69
N VAL A 103 2.78 -5.62 -27.87
CA VAL A 103 2.28 -5.89 -29.20
C VAL A 103 1.89 -4.62 -29.96
N ILE A 104 1.20 -3.72 -29.28
CA ILE A 104 0.79 -2.48 -29.92
C ILE A 104 2.02 -1.65 -30.28
N SER A 105 3.08 -1.80 -29.51
CA SER A 105 4.32 -1.05 -29.74
C SER A 105 5.23 -1.63 -30.81
N THR A 106 5.03 -2.90 -31.17
CA THR A 106 5.93 -3.49 -32.14
C THR A 106 5.35 -4.21 -33.34
N GLN A 107 4.07 -4.51 -33.31
CA GLN A 107 3.45 -5.26 -34.41
C GLN A 107 2.51 -4.47 -35.27
N MET A 108 2.48 -4.83 -36.56
CA MET A 108 1.56 -4.20 -37.48
C MET A 108 0.31 -5.06 -37.30
N LEU A 109 -0.76 -4.48 -36.75
CA LEU A 109 -1.96 -5.24 -36.52
C LEU A 109 -3.04 -4.97 -37.57
N SER A 110 -3.70 -6.03 -38.01
CA SER A 110 -4.77 -5.88 -38.99
C SER A 110 -6.06 -5.68 -38.19
N ASP A 111 -7.13 -5.27 -38.88
CA ASP A 111 -8.41 -5.06 -38.23
C ASP A 111 -8.88 -6.39 -37.63
N ASP A 112 -8.48 -7.49 -38.26
CA ASP A 112 -8.87 -8.80 -37.76
C ASP A 112 -8.17 -9.08 -36.41
N HIS A 113 -6.90 -8.68 -36.30
CA HIS A 113 -6.15 -8.84 -35.07
C HIS A 113 -6.89 -8.04 -33.97
N ILE A 114 -7.25 -6.81 -34.31
CA ILE A 114 -7.91 -5.95 -33.35
C ILE A 114 -9.22 -6.51 -32.85
N GLN A 115 -10.05 -7.02 -33.76
CA GLN A 115 -11.31 -7.63 -33.39
C GLN A 115 -11.04 -8.80 -32.45
N TYR A 116 -10.11 -9.66 -32.85
CA TYR A 116 -9.81 -10.84 -32.05
C TYR A 116 -9.32 -10.51 -30.64
N PHE A 117 -8.47 -9.51 -30.51
CA PHE A 117 -7.97 -9.15 -29.19
C PHE A 117 -9.03 -8.51 -28.32
N ILE A 118 -9.82 -7.58 -28.86
CA ILE A 118 -10.83 -6.96 -28.03
C ILE A 118 -11.94 -7.98 -27.70
N TYR A 119 -12.20 -8.90 -28.64
CA TYR A 119 -13.20 -9.93 -28.39
C TYR A 119 -12.80 -10.81 -27.18
N GLN A 120 -11.55 -11.21 -27.13
CA GLN A 120 -11.09 -12.08 -26.05
C GLN A 120 -11.08 -11.35 -24.72
N THR A 121 -10.75 -10.07 -24.78
CA THR A 121 -10.73 -9.23 -23.59
C THR A 121 -12.14 -9.15 -23.00
N LEU A 122 -13.11 -8.82 -23.86
CA LEU A 122 -14.48 -8.72 -23.42
C LEU A 122 -15.07 -10.05 -22.92
N ARG A 123 -14.63 -11.17 -23.52
CA ARG A 123 -15.13 -12.48 -23.13
C ARG A 123 -14.69 -12.74 -21.68
N ALA A 124 -13.47 -12.33 -21.35
CA ALA A 124 -12.99 -12.51 -19.98
C ALA A 124 -13.80 -11.56 -19.05
N VAL A 125 -13.96 -10.31 -19.48
CA VAL A 125 -14.71 -9.38 -18.65
C VAL A 125 -16.16 -9.92 -18.40
N LYS A 126 -16.78 -10.51 -19.42
CA LYS A 126 -18.13 -11.04 -19.21
C LYS A 126 -18.20 -12.07 -18.09
N VAL A 127 -17.29 -13.06 -18.10
CA VAL A 127 -17.35 -14.08 -17.05
C VAL A 127 -17.01 -13.50 -15.65
N LEU A 128 -16.16 -12.48 -15.61
CA LEU A 128 -15.80 -11.88 -14.33
C LEU A 128 -17.02 -11.12 -13.80
N HIS A 129 -17.54 -10.22 -14.63
CA HIS A 129 -18.71 -9.44 -14.24
C HIS A 129 -19.88 -10.32 -13.84
N GLY A 130 -20.09 -11.41 -14.58
CA GLY A 130 -21.19 -12.33 -14.28
C GLY A 130 -20.96 -13.07 -12.97
N SER A 131 -19.72 -13.05 -12.50
CA SER A 131 -19.35 -13.71 -11.25
C SER A 131 -19.23 -12.69 -10.12
N ASN A 132 -19.62 -11.45 -10.43
CA ASN A 132 -19.55 -10.32 -9.51
C ASN A 132 -18.11 -9.85 -9.24
N VAL A 133 -17.21 -10.15 -10.16
CA VAL A 133 -15.83 -9.72 -9.99
C VAL A 133 -15.61 -8.55 -10.94
N ILE A 134 -14.99 -7.48 -10.47
CA ILE A 134 -14.67 -6.37 -11.36
C ILE A 134 -13.14 -6.28 -11.25
N HIS A 135 -12.46 -6.13 -12.38
CA HIS A 135 -10.99 -6.09 -12.41
C HIS A 135 -10.43 -4.79 -11.85
N ARG A 136 -10.98 -3.69 -12.34
CA ARG A 136 -10.66 -2.34 -11.91
C ARG A 136 -9.33 -1.74 -12.36
N ASP A 137 -8.51 -2.49 -13.09
CA ASP A 137 -7.22 -1.93 -13.54
C ASP A 137 -6.82 -2.51 -14.89
N LEU A 138 -7.77 -2.64 -15.78
CA LEU A 138 -7.50 -3.19 -17.08
C LEU A 138 -6.69 -2.19 -17.91
N LYS A 139 -5.68 -2.73 -18.59
CA LYS A 139 -4.83 -1.95 -19.49
C LYS A 139 -4.06 -2.93 -20.36
N PRO A 140 -3.49 -2.47 -21.48
CA PRO A 140 -2.74 -3.36 -22.38
C PRO A 140 -1.67 -4.24 -21.73
N SER A 141 -0.96 -3.72 -20.72
CA SER A 141 0.09 -4.53 -20.11
C SER A 141 -0.42 -5.69 -19.27
N ASN A 142 -1.74 -5.70 -18.98
CA ASN A 142 -2.38 -6.75 -18.17
C ASN A 142 -3.06 -7.78 -19.05
N LEU A 143 -2.95 -7.61 -20.36
CA LEU A 143 -3.56 -8.55 -21.27
C LEU A 143 -2.37 -9.32 -21.88
N LEU A 144 -2.14 -10.54 -21.39
CA LEU A 144 -1.01 -11.35 -21.85
C LEU A 144 -1.38 -12.06 -23.14
N ILE A 145 -0.37 -12.22 -24.01
CA ILE A 145 -0.62 -12.80 -25.32
C ILE A 145 0.44 -13.83 -25.74
N ASN A 146 0.03 -14.81 -26.52
CA ASN A 146 0.96 -15.82 -27.04
C ASN A 146 1.01 -15.67 -28.55
N SER A 147 1.98 -16.32 -29.16
CA SER A 147 2.20 -16.24 -30.60
C SER A 147 1.03 -16.61 -31.50
N ASN A 148 0.08 -17.38 -31.00
CA ASN A 148 -1.09 -17.75 -31.80
C ASN A 148 -2.24 -16.77 -31.55
N CYS A 149 -1.92 -15.68 -30.85
CA CYS A 149 -2.88 -14.61 -30.54
C CYS A 149 -3.87 -14.88 -29.40
N ASP A 150 -3.66 -15.95 -28.64
CA ASP A 150 -4.53 -16.23 -27.50
C ASP A 150 -4.26 -15.07 -26.51
N LEU A 151 -5.31 -14.56 -25.90
CA LEU A 151 -5.15 -13.46 -24.96
C LEU A 151 -5.74 -13.86 -23.62
N LYS A 152 -5.01 -13.58 -22.55
CA LYS A 152 -5.46 -13.92 -21.21
C LYS A 152 -5.21 -12.77 -20.23
N VAL A 153 -6.26 -12.45 -19.46
CA VAL A 153 -6.22 -11.37 -18.46
C VAL A 153 -5.49 -11.83 -17.21
N CYS A 154 -4.72 -10.93 -16.60
CA CYS A 154 -4.01 -11.21 -15.34
C CYS A 154 -4.01 -9.92 -14.49
N ASP A 155 -3.26 -9.95 -13.38
CA ASP A 155 -3.09 -8.76 -12.52
C ASP A 155 -4.38 -8.30 -11.84
N PHE A 156 -4.93 -9.14 -10.98
CA PHE A 156 -6.17 -8.86 -10.27
C PHE A 156 -5.94 -8.18 -8.93
N GLY A 157 -4.82 -7.47 -8.79
CA GLY A 157 -4.48 -6.81 -7.54
C GLY A 157 -5.44 -5.74 -7.03
N LEU A 158 -6.17 -5.10 -7.93
CA LEU A 158 -7.11 -4.07 -7.51
C LEU A 158 -8.55 -4.55 -7.64
N ALA A 159 -8.73 -5.85 -7.88
CA ALA A 159 -10.07 -6.40 -8.07
C ALA A 159 -10.91 -6.37 -6.81
N ARG A 160 -12.23 -6.39 -6.99
CA ARG A 160 -13.18 -6.39 -5.89
C ARG A 160 -14.37 -7.29 -6.25
N ILE A 161 -15.10 -7.71 -5.22
CA ILE A 161 -16.31 -8.51 -5.43
C ILE A 161 -17.43 -7.51 -5.20
N ILE A 162 -18.34 -7.39 -6.16
CA ILE A 162 -19.46 -6.45 -6.08
C ILE A 162 -20.66 -6.97 -5.32
N ASP A 163 -21.26 -6.11 -4.49
CA ASP A 163 -22.45 -6.40 -3.68
C ASP A 163 -22.16 -7.03 -2.32
N VAL A 180 -9.46 4.95 -0.60
CA VAL A 180 -8.50 5.34 -1.63
C VAL A 180 -7.65 4.15 -2.03
N GLU A 181 -6.76 4.38 -2.99
CA GLU A 181 -5.91 3.30 -3.44
C GLU A 181 -4.87 3.92 -4.34
N PHE A 182 -3.93 3.08 -4.76
CA PHE A 182 -2.89 3.51 -5.66
C PHE A 182 -3.04 2.74 -6.95
N VAL A 183 -2.79 3.41 -8.08
CA VAL A 183 -2.81 2.74 -9.39
C VAL A 183 -1.54 3.18 -10.10
N ALA A 184 -1.01 2.34 -10.97
CA ALA A 184 0.21 2.76 -11.65
C ALA A 184 -0.09 3.97 -12.54
N THR A 185 -1.23 3.95 -13.21
CA THR A 185 -1.62 5.02 -14.11
C THR A 185 -3.14 5.17 -14.15
N ARG A 186 -3.63 6.36 -14.46
CA ARG A 186 -5.07 6.54 -14.54
C ARG A 186 -5.48 6.72 -16.01
N TRP A 187 -4.57 6.44 -16.95
CA TRP A 187 -4.93 6.63 -18.36
C TRP A 187 -6.13 5.81 -18.82
N TYR A 188 -6.41 4.71 -18.12
CA TYR A 188 -7.50 3.83 -18.52
C TYR A 188 -8.68 3.86 -17.52
N ARG A 189 -8.67 4.82 -16.60
CA ARG A 189 -9.72 4.95 -15.60
C ARG A 189 -10.92 5.80 -16.03
N ALA A 190 -12.12 5.30 -15.76
CA ALA A 190 -13.35 6.02 -16.12
C ALA A 190 -13.43 7.38 -15.41
N PRO A 191 -14.00 8.39 -16.09
CA PRO A 191 -14.14 9.73 -15.51
C PRO A 191 -14.95 9.80 -14.23
N GLU A 192 -16.03 9.01 -14.15
CA GLU A 192 -16.87 8.98 -12.96
C GLU A 192 -16.11 8.32 -11.82
N VAL A 193 -15.18 7.41 -12.14
CA VAL A 193 -14.44 6.77 -11.07
C VAL A 193 -13.52 7.84 -10.46
N MET A 194 -12.87 8.61 -11.32
CA MET A 194 -11.98 9.67 -10.87
C MET A 194 -12.71 10.73 -10.06
N LEU A 195 -13.93 11.05 -10.50
CA LEU A 195 -14.71 12.11 -9.90
C LEU A 195 -15.61 11.78 -8.72
N THR A 196 -15.96 10.52 -8.53
CA THR A 196 -16.88 10.18 -7.46
C THR A 196 -16.45 8.98 -6.63
N SER A 197 -17.30 8.61 -5.67
CA SER A 197 -17.03 7.46 -4.82
C SER A 197 -17.48 6.17 -5.53
N ALA A 198 -18.07 6.30 -6.72
CA ALA A 198 -18.53 5.11 -7.46
C ALA A 198 -17.32 4.51 -8.18
N LYS A 199 -16.42 3.91 -7.41
CA LYS A 199 -15.20 3.35 -7.97
C LYS A 199 -15.24 1.81 -8.08
N TYR A 200 -16.43 1.24 -8.00
CA TYR A 200 -16.58 -0.22 -8.03
C TYR A 200 -17.74 -0.68 -8.89
N SER A 201 -17.72 -0.31 -10.16
CA SER A 201 -18.80 -0.67 -11.06
C SER A 201 -18.27 -1.57 -12.13
N ARG A 202 -19.21 -2.24 -12.80
CA ARG A 202 -18.88 -3.09 -13.93
C ARG A 202 -18.54 -2.11 -15.03
N ALA A 203 -19.24 -0.97 -15.10
CA ALA A 203 -19.01 0.01 -16.15
C ALA A 203 -17.59 0.55 -16.23
N MET A 204 -16.87 0.62 -15.11
CA MET A 204 -15.49 1.15 -15.19
C MET A 204 -14.58 0.23 -16.02
N ASP A 205 -14.87 -1.07 -15.97
CA ASP A 205 -14.07 -2.02 -16.74
C ASP A 205 -14.37 -1.85 -18.24
N VAL A 206 -15.63 -1.59 -18.59
CA VAL A 206 -15.96 -1.41 -20.00
C VAL A 206 -15.29 -0.13 -20.50
N TRP A 207 -15.19 0.90 -19.64
CA TRP A 207 -14.51 2.12 -20.07
C TRP A 207 -13.05 1.81 -20.42
N SER A 208 -12.40 1.07 -19.54
CA SER A 208 -11.01 0.69 -19.76
C SER A 208 -10.88 -0.07 -21.09
N CYS A 209 -11.84 -0.96 -21.37
CA CYS A 209 -11.82 -1.72 -22.63
C CYS A 209 -11.95 -0.78 -23.83
N GLY A 210 -12.71 0.29 -23.64
CA GLY A 210 -12.87 1.27 -24.70
C GLY A 210 -11.56 2.00 -24.92
N CYS A 211 -10.81 2.27 -23.84
CA CYS A 211 -9.52 2.92 -23.98
C CYS A 211 -8.53 1.99 -24.66
N ILE A 212 -8.65 0.69 -24.39
CA ILE A 212 -7.75 -0.31 -24.99
C ILE A 212 -8.08 -0.42 -26.49
N LEU A 213 -9.37 -0.49 -26.83
CA LEU A 213 -9.81 -0.57 -28.22
C LEU A 213 -9.27 0.67 -28.99
N ALA A 214 -9.39 1.85 -28.38
CA ALA A 214 -8.91 3.08 -29.01
C ALA A 214 -7.41 3.03 -29.24
N GLU A 215 -6.68 2.47 -28.28
CA GLU A 215 -5.23 2.36 -28.39
C GLU A 215 -4.85 1.38 -29.50
N LEU A 216 -5.64 0.34 -29.70
CA LEU A 216 -5.36 -0.63 -30.76
C LEU A 216 -5.48 0.09 -32.12
N PHE A 217 -6.47 0.97 -32.25
CA PHE A 217 -6.66 1.73 -33.49
C PHE A 217 -5.60 2.81 -33.69
N LEU A 218 -5.31 3.59 -32.65
CA LEU A 218 -4.34 4.68 -32.71
C LEU A 218 -2.89 4.25 -32.56
N ARG A 219 -2.68 3.10 -31.93
CA ARG A 219 -1.35 2.61 -31.66
C ARG A 219 -0.61 3.51 -30.64
N ARG A 220 -1.39 4.26 -29.87
CA ARG A 220 -0.87 5.10 -28.79
C ARG A 220 -2.04 5.31 -27.86
N PRO A 221 -1.80 5.56 -26.55
CA PRO A 221 -2.93 5.77 -25.61
C PRO A 221 -3.79 6.96 -26.05
N ILE A 222 -5.10 6.83 -25.92
CA ILE A 222 -5.96 7.91 -26.34
C ILE A 222 -6.08 9.04 -25.30
N PHE A 223 -5.92 8.73 -24.01
CA PHE A 223 -6.03 9.75 -22.96
C PHE A 223 -4.82 9.71 -22.03
N PRO A 224 -3.64 10.12 -22.50
CA PRO A 224 -2.46 10.09 -21.63
C PRO A 224 -2.29 11.35 -20.75
N GLY A 225 -3.13 11.45 -19.72
CA GLY A 225 -3.05 12.62 -18.87
C GLY A 225 -1.74 12.80 -18.12
N ARG A 226 -1.34 14.06 -17.91
CA ARG A 226 -0.11 14.36 -17.18
C ARG A 226 -0.37 14.46 -15.67
N ASP A 227 -1.64 14.62 -15.30
CA ASP A 227 -2.06 14.70 -13.89
C ASP A 227 -3.59 14.59 -13.85
N TYR A 228 -4.16 14.61 -12.65
CA TYR A 228 -5.60 14.45 -12.48
C TYR A 228 -6.49 15.36 -13.32
N ARG A 229 -6.25 16.67 -13.22
CA ARG A 229 -7.06 17.62 -13.99
C ARG A 229 -6.88 17.44 -15.50
N HIS A 230 -5.63 17.34 -15.93
CA HIS A 230 -5.31 17.20 -17.35
C HIS A 230 -5.94 15.92 -17.92
N GLN A 231 -6.02 14.88 -17.10
CA GLN A 231 -6.62 13.63 -17.56
C GLN A 231 -8.09 13.89 -17.93
N LEU A 232 -8.82 14.60 -17.07
CA LEU A 232 -10.21 14.89 -17.38
C LEU A 232 -10.31 15.80 -18.60
N LEU A 233 -9.37 16.75 -18.72
CA LEU A 233 -9.37 17.68 -19.85
C LEU A 233 -9.20 16.92 -21.16
N LEU A 234 -8.31 15.92 -21.16
CA LEU A 234 -8.11 15.14 -22.38
C LEU A 234 -9.35 14.32 -22.70
N ILE A 235 -9.97 13.72 -21.68
CA ILE A 235 -11.16 12.91 -21.89
C ILE A 235 -12.31 13.75 -22.47
N PHE A 236 -12.63 14.84 -21.78
CA PHE A 236 -13.72 15.71 -22.21
C PHE A 236 -13.46 16.40 -23.53
N GLY A 237 -12.19 16.57 -23.87
CA GLY A 237 -11.82 17.21 -25.11
C GLY A 237 -12.20 16.29 -26.28
N ILE A 238 -12.52 15.04 -25.97
CA ILE A 238 -12.93 14.09 -27.00
C ILE A 238 -14.41 13.72 -26.88
N ILE A 239 -14.87 13.31 -25.71
CA ILE A 239 -16.29 12.92 -25.56
C ILE A 239 -17.22 14.06 -25.25
N GLY A 240 -16.65 15.24 -25.01
CA GLY A 240 -17.47 16.41 -24.70
C GLY A 240 -17.54 16.61 -23.20
N THR A 241 -17.51 17.87 -22.77
CA THR A 241 -17.57 18.18 -21.35
C THR A 241 -19.02 18.16 -20.90
N PRO A 242 -19.36 17.31 -19.92
CA PRO A 242 -20.74 17.26 -19.45
C PRO A 242 -21.07 18.59 -18.75
N HIS A 243 -22.19 19.19 -19.13
CA HIS A 243 -22.59 20.47 -18.54
C HIS A 243 -24.05 20.51 -18.07
N SER A 244 -24.97 20.09 -18.94
CA SER A 244 -26.40 20.10 -18.62
C SER A 244 -26.77 19.23 -17.41
N ASP A 245 -27.93 19.50 -16.83
CA ASP A 245 -28.40 18.73 -15.69
C ASP A 245 -28.60 17.27 -16.08
N ASN A 246 -28.85 17.04 -17.36
CA ASN A 246 -29.03 15.68 -17.87
C ASN A 246 -27.65 15.03 -18.00
N ASP A 247 -26.70 15.76 -18.60
CA ASP A 247 -25.34 15.23 -18.76
C ASP A 247 -24.81 14.85 -17.39
N LEU A 248 -25.06 15.71 -16.41
CA LEU A 248 -24.55 15.52 -15.05
C LEU A 248 -25.46 14.77 -14.08
N ARG A 249 -26.63 14.36 -14.56
CA ARG A 249 -27.58 13.62 -13.72
C ARG A 249 -26.90 12.42 -13.04
N CYS A 250 -25.98 11.78 -13.76
CA CYS A 250 -25.27 10.62 -13.23
C CYS A 250 -24.24 10.91 -12.12
N ILE A 251 -23.88 12.18 -11.93
CA ILE A 251 -22.93 12.53 -10.88
C ILE A 251 -23.75 13.00 -9.66
N GLU A 252 -23.86 12.15 -8.65
CA GLU A 252 -24.64 12.49 -7.46
C GLU A 252 -24.05 13.62 -6.63
N SER A 253 -22.74 13.64 -6.48
CA SER A 253 -22.09 14.67 -5.67
C SER A 253 -22.08 16.09 -6.26
N PRO A 254 -22.56 17.07 -5.47
CA PRO A 254 -22.61 18.47 -5.88
C PRO A 254 -21.20 19.05 -6.06
N ARG A 255 -20.26 18.63 -5.19
CA ARG A 255 -18.89 19.13 -5.30
C ARG A 255 -18.25 18.66 -6.60
N ALA A 256 -18.59 17.45 -7.01
CA ALA A 256 -18.06 16.89 -8.23
C ALA A 256 -18.66 17.66 -9.40
N ARG A 257 -19.96 17.91 -9.35
CA ARG A 257 -20.58 18.64 -10.45
C ARG A 257 -20.01 20.07 -10.57
N GLU A 258 -19.69 20.67 -9.44
CA GLU A 258 -19.15 22.04 -9.46
C GLU A 258 -17.74 22.01 -10.05
N TYR A 259 -16.95 21.03 -9.63
CA TYR A 259 -15.60 20.87 -10.15
C TYR A 259 -15.62 20.70 -11.67
N ILE A 260 -16.51 19.85 -12.17
CA ILE A 260 -16.63 19.64 -13.61
C ILE A 260 -16.98 20.96 -14.31
N LYS A 261 -17.90 21.71 -13.70
CA LYS A 261 -18.35 22.99 -14.25
C LYS A 261 -17.26 24.09 -14.26
N SER A 262 -16.22 23.90 -13.45
CA SER A 262 -15.12 24.87 -13.36
C SER A 262 -14.06 24.63 -14.45
N LEU A 263 -14.17 23.52 -15.16
CA LEU A 263 -13.19 23.20 -16.20
C LEU A 263 -13.52 23.84 -17.53
N PRO A 264 -12.53 23.90 -18.43
CA PRO A 264 -12.79 24.46 -19.75
C PRO A 264 -13.88 23.54 -20.28
N MET A 265 -14.81 24.07 -21.07
CA MET A 265 -15.90 23.25 -21.58
C MET A 265 -15.92 23.22 -23.10
N TYR A 266 -15.97 22.02 -23.66
CA TYR A 266 -15.99 21.88 -25.11
C TYR A 266 -17.03 20.84 -25.56
N PRO A 267 -17.56 21.00 -26.79
CA PRO A 267 -18.55 20.03 -27.26
C PRO A 267 -17.78 18.79 -27.74
N ALA A 268 -18.45 17.65 -27.79
CA ALA A 268 -17.80 16.41 -28.24
C ALA A 268 -17.12 16.57 -29.58
N ALA A 269 -16.05 15.81 -29.78
CA ALA A 269 -15.30 15.80 -31.03
C ALA A 269 -15.81 14.62 -31.87
N PRO A 270 -15.95 14.81 -33.19
CA PRO A 270 -16.43 13.74 -34.06
C PRO A 270 -15.36 12.64 -34.21
N LEU A 271 -15.66 11.46 -33.65
CA LEU A 271 -14.73 10.34 -33.68
C LEU A 271 -14.26 9.89 -35.06
N GLU A 272 -15.15 9.91 -36.04
CA GLU A 272 -14.77 9.50 -37.39
C GLU A 272 -13.55 10.29 -37.87
N LYS A 273 -13.50 11.58 -37.52
CA LYS A 273 -12.39 12.42 -37.93
C LYS A 273 -11.11 11.93 -37.29
N MET A 274 -11.23 11.47 -36.05
CA MET A 274 -10.10 10.97 -35.28
C MET A 274 -9.64 9.59 -35.74
N PHE A 275 -10.60 8.78 -36.21
CA PHE A 275 -10.31 7.44 -36.70
C PHE A 275 -10.79 7.36 -38.14
N PRO A 276 -10.09 8.06 -39.05
CA PRO A 276 -10.41 8.11 -40.48
C PRO A 276 -10.39 6.78 -41.24
N ARG A 277 -9.32 6.01 -41.09
CA ARG A 277 -9.21 4.75 -41.82
C ARG A 277 -9.61 3.52 -41.00
N VAL A 278 -10.41 3.73 -39.96
CA VAL A 278 -10.84 2.63 -39.11
C VAL A 278 -12.19 2.07 -39.53
N ASN A 279 -12.38 0.78 -39.29
CA ASN A 279 -13.64 0.10 -39.61
C ASN A 279 -14.79 0.80 -38.89
N PRO A 280 -15.75 1.37 -39.67
CA PRO A 280 -16.90 2.06 -39.10
C PRO A 280 -17.57 1.31 -37.94
N LYS A 281 -17.60 -0.02 -38.01
CA LYS A 281 -18.22 -0.80 -36.94
C LYS A 281 -17.39 -0.72 -35.64
N GLY A 282 -16.08 -0.61 -35.80
CA GLY A 282 -15.18 -0.51 -34.66
C GLY A 282 -15.37 0.83 -33.97
N ILE A 283 -15.58 1.86 -34.78
CA ILE A 283 -15.79 3.21 -34.27
C ILE A 283 -17.12 3.28 -33.54
N ASP A 284 -18.11 2.53 -34.01
CA ASP A 284 -19.42 2.53 -33.36
C ASP A 284 -19.30 1.84 -32.01
N LEU A 285 -18.59 0.72 -31.97
CA LEU A 285 -18.41 0.01 -30.70
C LEU A 285 -17.66 0.92 -29.72
N LEU A 286 -16.62 1.60 -30.21
CA LEU A 286 -15.86 2.49 -29.34
C LEU A 286 -16.77 3.58 -28.77
N GLN A 287 -17.65 4.15 -29.61
CA GLN A 287 -18.54 5.21 -29.13
C GLN A 287 -19.45 4.71 -28.02
N ARG A 288 -19.80 3.44 -28.06
CA ARG A 288 -20.68 2.88 -27.07
C ARG A 288 -19.96 2.57 -25.74
N MET A 289 -18.63 2.44 -25.80
CA MET A 289 -17.85 2.15 -24.59
C MET A 289 -17.37 3.47 -23.92
N LEU A 290 -16.97 4.44 -24.73
CA LEU A 290 -16.47 5.72 -24.20
C LEU A 290 -17.57 6.74 -24.02
N VAL A 291 -18.49 6.41 -23.13
CA VAL A 291 -19.65 7.24 -22.80
C VAL A 291 -19.49 7.67 -21.35
N PHE A 292 -19.67 8.97 -21.09
CA PHE A 292 -19.51 9.51 -19.73
C PHE A 292 -20.45 8.88 -18.71
N ASP A 293 -21.73 8.77 -19.04
CA ASP A 293 -22.71 8.19 -18.12
C ASP A 293 -22.50 6.67 -18.05
N PRO A 294 -22.07 6.16 -16.90
CA PRO A 294 -21.85 4.71 -16.82
C PRO A 294 -23.10 3.88 -17.16
N ALA A 295 -24.27 4.39 -16.80
CA ALA A 295 -25.52 3.67 -17.07
C ALA A 295 -25.85 3.59 -18.54
N LYS A 296 -25.21 4.43 -19.36
CA LYS A 296 -25.45 4.42 -20.80
C LYS A 296 -24.32 3.69 -21.54
N ARG A 297 -23.33 3.23 -20.78
CA ARG A 297 -22.20 2.51 -21.34
C ARG A 297 -22.64 1.07 -21.68
N ILE A 298 -22.18 0.58 -22.83
CA ILE A 298 -22.51 -0.78 -23.27
C ILE A 298 -21.93 -1.79 -22.27
N THR A 299 -22.59 -2.94 -22.10
CA THR A 299 -22.08 -3.98 -21.18
C THR A 299 -21.12 -4.92 -21.91
N ALA A 300 -20.41 -5.75 -21.15
CA ALA A 300 -19.49 -6.69 -21.78
C ALA A 300 -20.27 -7.63 -22.67
N LYS A 301 -21.40 -8.14 -22.17
CA LYS A 301 -22.24 -9.06 -22.93
C LYS A 301 -22.76 -8.43 -24.23
N GLU A 302 -23.26 -7.21 -24.13
CA GLU A 302 -23.77 -6.51 -25.31
C GLU A 302 -22.64 -6.22 -26.32
N ALA A 303 -21.44 -5.94 -25.81
CA ALA A 303 -20.34 -5.62 -26.70
C ALA A 303 -19.98 -6.87 -27.51
N LEU A 304 -20.10 -8.03 -26.87
CA LEU A 304 -19.76 -9.27 -27.56
C LEU A 304 -20.71 -9.52 -28.75
N GLU A 305 -21.95 -9.04 -28.63
CA GLU A 305 -22.97 -9.21 -29.67
C GLU A 305 -22.97 -8.10 -30.72
N HIS A 306 -22.05 -7.15 -30.58
CA HIS A 306 -21.94 -6.03 -31.49
C HIS A 306 -21.40 -6.41 -32.86
N PRO A 307 -21.96 -5.82 -33.93
CA PRO A 307 -21.54 -6.11 -35.30
C PRO A 307 -20.04 -6.17 -35.55
N TYR A 308 -19.27 -5.31 -34.90
CA TYR A 308 -17.82 -5.31 -35.12
C TYR A 308 -17.19 -6.67 -34.77
N LEU A 309 -17.76 -7.38 -33.80
CA LEU A 309 -17.19 -8.66 -33.37
C LEU A 309 -17.89 -9.90 -33.93
N GLN A 310 -18.72 -9.70 -34.94
CA GLN A 310 -19.46 -10.84 -35.48
C GLN A 310 -18.60 -12.01 -35.96
N THR A 311 -17.37 -11.78 -36.38
CA THR A 311 -16.53 -12.89 -36.82
C THR A 311 -16.21 -13.88 -35.70
N TYR A 312 -16.14 -13.39 -34.47
CA TYR A 312 -15.81 -14.26 -33.34
C TYR A 312 -16.92 -14.53 -32.34
N HIS A 313 -18.03 -13.81 -32.45
CA HIS A 313 -19.12 -14.03 -31.51
C HIS A 313 -19.82 -15.38 -31.67
N ASP A 314 -20.05 -16.03 -30.54
CA ASP A 314 -20.77 -17.32 -30.47
C ASP A 314 -21.44 -17.29 -29.10
N PRO A 315 -22.75 -16.98 -29.06
CA PRO A 315 -23.48 -16.92 -27.81
C PRO A 315 -23.53 -18.21 -26.99
N ASN A 316 -23.17 -19.32 -27.61
CA ASN A 316 -23.16 -20.60 -26.89
C ASN A 316 -21.78 -20.87 -26.31
N ASP A 317 -20.83 -19.98 -26.60
CA ASP A 317 -19.50 -20.20 -26.06
C ASP A 317 -18.89 -18.92 -25.44
N GLU A 318 -19.69 -18.22 -24.66
CA GLU A 318 -19.24 -17.03 -23.94
C GLU A 318 -19.79 -17.15 -22.50
N PRO A 319 -19.10 -17.94 -21.66
CA PRO A 319 -19.43 -18.21 -20.26
C PRO A 319 -19.94 -16.97 -19.54
N GLU A 320 -21.08 -17.14 -18.89
CA GLU A 320 -21.77 -16.06 -18.15
C GLU A 320 -21.25 -15.85 -16.74
N GLY A 321 -20.61 -16.87 -16.17
CA GLY A 321 -20.11 -16.74 -14.82
C GLY A 321 -21.13 -17.16 -13.78
N GLU A 322 -20.71 -17.25 -12.52
CA GLU A 322 -21.59 -17.62 -11.42
C GLU A 322 -21.22 -16.68 -10.27
N PRO A 323 -22.22 -15.99 -9.70
CA PRO A 323 -21.99 -15.04 -8.60
C PRO A 323 -21.17 -15.55 -7.42
N ILE A 324 -20.11 -14.81 -7.13
CA ILE A 324 -19.23 -15.11 -6.00
C ILE A 324 -19.67 -14.20 -4.84
N PRO A 325 -19.83 -14.76 -3.62
CA PRO A 325 -20.25 -13.90 -2.49
C PRO A 325 -19.18 -12.94 -2.02
N PRO A 326 -19.59 -11.76 -1.51
CA PRO A 326 -18.67 -10.73 -1.01
C PRO A 326 -17.64 -11.29 -0.02
N SER A 327 -18.04 -12.32 0.72
CA SER A 327 -17.19 -12.93 1.72
C SER A 327 -15.94 -13.57 1.14
N PHE A 328 -15.94 -13.76 -0.18
CA PHE A 328 -14.81 -14.31 -0.89
C PHE A 328 -13.61 -13.39 -0.57
N PHE A 329 -13.85 -12.08 -0.50
CA PHE A 329 -12.79 -11.12 -0.14
C PHE A 329 -13.20 -10.49 1.19
N GLU A 330 -13.46 -11.32 2.19
CA GLU A 330 -13.89 -10.84 3.50
C GLU A 330 -12.99 -9.73 4.08
N PHE A 331 -11.67 -9.85 3.88
CA PHE A 331 -10.76 -8.84 4.40
C PHE A 331 -11.11 -7.43 3.96
N ASP A 332 -11.81 -7.30 2.84
CA ASP A 332 -12.17 -5.97 2.36
C ASP A 332 -13.28 -5.33 3.20
N HIS A 333 -13.88 -6.08 4.11
CA HIS A 333 -14.97 -5.51 4.89
C HIS A 333 -14.67 -5.33 6.37
N TYR A 334 -13.40 -5.25 6.71
CA TYR A 334 -13.00 -5.04 8.11
C TYR A 334 -12.00 -3.91 8.12
N LYS A 335 -12.18 -2.99 9.05
CA LYS A 335 -11.29 -1.84 9.10
C LYS A 335 -10.24 -1.84 10.20
N GLU A 336 -10.08 -2.95 10.95
CA GLU A 336 -9.05 -2.99 11.98
C GLU A 336 -7.72 -3.06 11.24
N ALA A 337 -6.68 -2.46 11.82
CA ALA A 337 -5.36 -2.46 11.23
C ALA A 337 -4.88 -3.89 11.09
N LEU A 338 -4.23 -4.19 9.97
CA LEU A 338 -3.73 -5.54 9.76
C LEU A 338 -2.25 -5.54 10.07
N THR A 339 -1.78 -6.58 10.75
CA THR A 339 -0.37 -6.69 11.08
C THR A 339 0.32 -7.60 10.07
N THR A 340 1.65 -7.60 10.12
CA THR A 340 2.47 -8.48 9.26
C THR A 340 2.00 -9.95 9.44
N LYS A 341 1.81 -10.35 10.69
CA LYS A 341 1.36 -11.72 10.97
C LYS A 341 -0.02 -12.01 10.39
N ASP A 342 -0.93 -11.03 10.45
CA ASP A 342 -2.27 -11.22 9.92
C ASP A 342 -2.20 -11.48 8.42
N LEU A 343 -1.34 -10.74 7.73
CA LEU A 343 -1.20 -10.91 6.27
C LEU A 343 -0.61 -12.29 5.93
N LYS A 344 0.37 -12.72 6.70
CA LYS A 344 0.98 -14.02 6.49
C LYS A 344 -0.09 -15.11 6.69
N LYS A 345 -0.92 -14.93 7.70
CA LYS A 345 -1.97 -15.90 7.97
C LYS A 345 -3.01 -15.97 6.85
N LEU A 346 -3.38 -14.81 6.30
CA LEU A 346 -4.34 -14.80 5.20
C LEU A 346 -3.80 -15.59 4.01
N ILE A 347 -2.54 -15.38 3.65
CA ILE A 347 -1.96 -16.08 2.49
C ILE A 347 -1.78 -17.54 2.85
N TRP A 348 -1.24 -17.82 4.04
CA TRP A 348 -1.07 -19.20 4.49
C TRP A 348 -2.37 -19.99 4.37
N ASN A 349 -3.43 -19.43 4.95
CA ASN A 349 -4.73 -20.10 4.93
C ASN A 349 -5.21 -20.34 3.52
N GLU A 350 -5.04 -19.36 2.64
CA GLU A 350 -5.47 -19.53 1.25
C GLU A 350 -4.68 -20.64 0.54
N ILE A 351 -3.38 -20.70 0.78
CA ILE A 351 -2.55 -21.72 0.13
C ILE A 351 -2.99 -23.12 0.54
N PHE A 352 -3.28 -23.31 1.82
CA PHE A 352 -3.66 -24.62 2.33
C PHE A 352 -5.17 -24.89 2.32
N SER A 353 -5.92 -23.96 1.77
CA SER A 353 -7.35 -24.08 1.73
C SER A 353 -7.95 -22.95 0.93
N MET B 1 32.61 -3.12 3.27
CA MET B 1 31.17 -3.08 2.85
C MET B 1 30.84 -3.95 1.63
N PRO B 2 29.70 -4.66 1.69
CA PRO B 2 29.33 -5.53 0.56
C PRO B 2 29.31 -4.76 -0.77
N LYS B 3 29.80 -5.41 -1.81
CA LYS B 3 29.88 -4.82 -3.15
C LYS B 3 28.52 -4.42 -3.71
N ARG B 4 27.47 -5.17 -3.34
CA ARG B 4 26.13 -4.86 -3.84
C ARG B 4 25.60 -3.50 -3.37
N ILE B 5 26.30 -2.85 -2.45
CA ILE B 5 25.87 -1.53 -1.97
C ILE B 5 26.47 -0.44 -2.83
N VAL B 6 25.63 0.18 -3.65
CA VAL B 6 26.08 1.24 -4.53
C VAL B 6 25.33 2.54 -4.27
N TYR B 7 26.08 3.60 -4.01
CA TYR B 7 25.49 4.90 -3.75
C TYR B 7 25.91 5.90 -4.80
N ASN B 8 24.96 6.42 -5.56
CA ASN B 8 25.32 7.41 -6.58
C ASN B 8 25.20 8.77 -5.91
N ILE B 9 26.22 9.14 -5.16
CA ILE B 9 26.23 10.43 -4.46
C ILE B 9 27.54 11.19 -4.62
N SER B 10 27.59 12.39 -4.04
CA SER B 10 28.78 13.22 -4.12
C SER B 10 30.02 12.49 -3.66
N SER B 11 31.12 12.74 -4.36
CA SER B 11 32.41 12.14 -4.06
C SER B 11 32.91 12.66 -2.72
N ASP B 12 32.31 13.74 -2.23
CA ASP B 12 32.67 14.32 -0.94
C ASP B 12 32.35 13.34 0.19
N PHE B 13 31.43 12.41 -0.09
CA PHE B 13 31.03 11.41 0.87
C PHE B 13 31.82 10.13 0.67
N GLN B 14 32.13 9.47 1.77
CA GLN B 14 32.86 8.21 1.74
C GLN B 14 32.07 7.28 2.68
N LEU B 15 31.44 6.26 2.11
CA LEU B 15 30.66 5.33 2.93
C LEU B 15 31.55 4.65 3.97
N LYS B 16 31.02 4.42 5.16
CA LYS B 16 31.78 3.76 6.23
C LYS B 16 31.23 2.37 6.55
N SER B 17 29.99 2.29 7.01
CA SER B 17 29.41 0.99 7.34
C SER B 17 27.96 0.87 6.93
N LEU B 18 27.54 -0.36 6.65
CA LEU B 18 26.15 -0.62 6.32
C LEU B 18 25.48 -0.72 7.70
N LEU B 19 24.44 0.07 7.93
CA LEU B 19 23.76 0.06 9.22
C LEU B 19 22.44 -0.72 9.18
N GLY B 20 21.88 -0.87 7.99
CA GLY B 20 20.63 -1.58 7.87
C GLY B 20 20.06 -1.61 6.48
N GLU B 21 19.20 -2.60 6.25
CA GLU B 21 18.51 -2.80 4.99
C GLU B 21 17.07 -3.17 5.32
N GLY B 22 16.20 -3.14 4.32
CA GLY B 22 14.82 -3.48 4.58
C GLY B 22 13.87 -3.06 3.50
N ALA B 23 12.59 -3.04 3.86
CA ALA B 23 11.54 -2.65 2.94
C ALA B 23 11.84 -1.27 2.33
N TYR B 24 12.11 -0.30 3.20
CA TYR B 24 12.40 1.06 2.76
C TYR B 24 13.61 1.14 1.82
N GLY B 25 14.71 0.50 2.19
CA GLY B 25 15.91 0.53 1.36
C GLY B 25 17.11 0.22 2.23
N VAL B 26 18.17 1.03 2.13
CA VAL B 26 19.37 0.80 2.92
C VAL B 26 19.90 2.08 3.59
N VAL B 27 20.62 1.90 4.69
CA VAL B 27 21.17 3.03 5.42
C VAL B 27 22.63 2.73 5.76
N CYS B 28 23.51 3.66 5.46
CA CYS B 28 24.92 3.50 5.74
C CYS B 28 25.44 4.75 6.43
N SER B 29 26.49 4.60 7.24
CA SER B 29 27.11 5.75 7.87
C SER B 29 28.09 6.24 6.80
N ALA B 30 28.40 7.53 6.80
CA ALA B 30 29.31 8.06 5.80
C ALA B 30 30.03 9.27 6.34
N THR B 31 31.26 9.43 5.90
CA THR B 31 32.06 10.56 6.35
C THR B 31 31.95 11.62 5.28
N HIS B 32 31.69 12.85 5.72
CA HIS B 32 31.61 13.97 4.81
C HIS B 32 33.03 14.54 4.82
N LYS B 33 33.83 14.11 3.84
CA LYS B 33 35.24 14.52 3.72
C LYS B 33 35.55 15.97 4.08
N PRO B 34 34.88 16.93 3.43
CA PRO B 34 35.07 18.37 3.67
C PRO B 34 35.12 18.85 5.12
N THR B 35 34.31 18.23 5.97
CA THR B 35 34.23 18.64 7.36
C THR B 35 34.61 17.52 8.34
N GLY B 36 34.66 16.29 7.87
CA GLY B 36 34.99 15.19 8.76
C GLY B 36 33.82 14.71 9.59
N GLU B 37 32.63 15.25 9.33
CA GLU B 37 31.44 14.82 10.06
C GLU B 37 31.02 13.43 9.59
N ILE B 38 30.37 12.67 10.46
CA ILE B 38 29.89 11.37 10.05
C ILE B 38 28.37 11.46 10.10
N VAL B 39 27.73 11.11 8.99
CA VAL B 39 26.27 11.17 8.90
C VAL B 39 25.72 9.83 8.46
N ALA B 40 24.40 9.73 8.40
CA ALA B 40 23.75 8.52 7.92
C ALA B 40 23.14 8.89 6.57
N ILE B 41 23.27 7.99 5.61
CA ILE B 41 22.69 8.25 4.31
C ILE B 41 21.79 7.08 3.94
N LYS B 42 20.53 7.39 3.67
CA LYS B 42 19.57 6.38 3.29
C LYS B 42 19.39 6.42 1.78
N LYS B 43 19.39 5.24 1.16
CA LYS B 43 19.20 5.13 -0.26
C LYS B 43 17.84 4.47 -0.33
N ILE B 44 16.87 5.15 -0.92
CA ILE B 44 15.52 4.63 -1.03
C ILE B 44 15.10 4.62 -2.50
N GLU B 45 14.48 3.52 -2.95
CA GLU B 45 13.98 3.37 -4.33
C GLU B 45 12.51 3.04 -4.09
N PRO B 46 11.69 4.05 -3.79
CA PRO B 46 10.28 3.90 -3.48
C PRO B 46 9.22 3.92 -4.56
N PHE B 47 9.55 4.35 -5.77
CA PHE B 47 8.54 4.48 -6.79
C PHE B 47 7.83 3.24 -7.32
N ASP B 48 8.29 2.06 -6.95
CA ASP B 48 7.59 0.87 -7.39
C ASP B 48 6.74 0.36 -6.21
N LYS B 49 6.82 1.04 -5.07
CA LYS B 49 6.09 0.67 -3.85
C LYS B 49 5.35 1.90 -3.29
N PRO B 50 4.14 2.16 -3.78
CA PRO B 50 3.24 3.27 -3.44
C PRO B 50 3.19 3.60 -1.95
N LEU B 51 2.94 2.59 -1.14
CA LEU B 51 2.87 2.79 0.30
C LEU B 51 4.19 3.33 0.85
N PHE B 52 5.29 2.75 0.41
CA PHE B 52 6.59 3.21 0.86
C PHE B 52 6.93 4.60 0.37
N ALA B 53 6.50 4.94 -0.85
CA ALA B 53 6.76 6.27 -1.37
C ALA B 53 5.99 7.28 -0.50
N LEU B 54 4.74 6.99 -0.18
CA LEU B 54 3.95 7.91 0.64
C LEU B 54 4.52 8.02 2.03
N ARG B 55 4.97 6.90 2.59
CA ARG B 55 5.55 6.96 3.92
C ARG B 55 6.83 7.75 3.91
N THR B 56 7.60 7.61 2.86
CA THR B 56 8.83 8.36 2.70
C THR B 56 8.48 9.87 2.67
N LEU B 57 7.42 10.20 1.94
CA LEU B 57 7.01 11.61 1.83
C LEU B 57 6.66 12.15 3.23
N ARG B 58 5.86 11.43 4.00
CA ARG B 58 5.48 11.92 5.33
C ARG B 58 6.72 12.19 6.18
N GLU B 59 7.65 11.25 6.16
CA GLU B 59 8.86 11.39 6.97
C GLU B 59 9.69 12.60 6.54
N ILE B 60 9.89 12.77 5.24
CA ILE B 60 10.68 13.91 4.77
C ILE B 60 10.06 15.23 5.19
N LYS B 61 8.75 15.36 5.00
CA LYS B 61 8.07 16.60 5.38
C LYS B 61 8.14 16.88 6.89
N ILE B 62 7.90 15.88 7.70
CA ILE B 62 7.94 16.05 9.14
C ILE B 62 9.35 16.36 9.62
N LEU B 63 10.34 15.56 9.22
CA LEU B 63 11.68 15.85 9.70
C LEU B 63 12.21 17.21 9.25
N LYS B 64 11.89 17.64 8.03
CA LYS B 64 12.34 18.97 7.60
C LYS B 64 11.68 20.08 8.41
N HIS B 65 10.45 19.84 8.84
CA HIS B 65 9.70 20.84 9.58
C HIS B 65 10.18 21.13 10.99
N PHE B 66 10.46 20.07 11.73
CA PHE B 66 10.87 20.23 13.11
C PHE B 66 12.35 20.55 13.30
N LYS B 67 12.65 21.28 14.37
CA LYS B 67 14.01 21.66 14.76
C LYS B 67 13.94 21.48 16.27
N HIS B 68 13.90 20.23 16.70
CA HIS B 68 13.74 19.89 18.10
C HIS B 68 14.76 18.81 18.47
N GLU B 69 15.29 18.90 19.69
CA GLU B 69 16.28 17.98 20.19
C GLU B 69 15.84 16.52 20.24
N ASN B 70 14.54 16.27 20.30
CA ASN B 70 14.08 14.87 20.38
C ASN B 70 13.41 14.34 19.12
N ILE B 71 13.63 15.00 17.99
CA ILE B 71 13.10 14.53 16.70
C ILE B 71 14.31 14.51 15.77
N ILE B 72 14.49 13.41 15.07
CA ILE B 72 15.64 13.25 14.20
C ILE B 72 15.81 14.34 13.13
N THR B 73 17.04 14.83 13.02
CA THR B 73 17.41 15.90 12.08
C THR B 73 17.75 15.39 10.69
N ILE B 74 17.20 16.04 9.68
CA ILE B 74 17.51 15.70 8.30
C ILE B 74 18.46 16.84 7.83
N PHE B 75 19.61 16.49 7.27
CA PHE B 75 20.55 17.54 6.82
C PHE B 75 20.36 17.96 5.40
N ASN B 76 20.09 17.00 4.52
CA ASN B 76 19.93 17.36 3.13
C ASN B 76 19.35 16.20 2.37
N ILE B 77 18.93 16.47 1.14
CA ILE B 77 18.41 15.42 0.29
C ILE B 77 19.01 15.67 -1.09
N GLN B 78 19.62 14.64 -1.66
CA GLN B 78 20.26 14.79 -2.97
C GLN B 78 19.27 15.26 -4.04
N ARG B 79 19.68 16.25 -4.83
CA ARG B 79 18.82 16.73 -5.89
C ARG B 79 18.91 15.78 -7.05
N PRO B 80 17.76 15.35 -7.59
CA PRO B 80 17.83 14.43 -8.73
C PRO B 80 18.19 15.34 -9.91
N ASP B 81 18.66 14.78 -11.02
CA ASP B 81 18.99 15.64 -12.15
C ASP B 81 17.89 15.61 -13.20
N SER B 82 17.23 14.46 -13.34
CA SER B 82 16.16 14.32 -14.33
C SER B 82 14.92 13.61 -13.78
N PHE B 83 13.75 14.18 -14.00
CA PHE B 83 12.52 13.57 -13.52
C PHE B 83 12.32 12.17 -14.11
N GLU B 84 12.45 12.06 -15.42
CA GLU B 84 12.29 10.77 -16.10
C GLU B 84 13.20 9.69 -15.51
N ASN B 85 14.41 10.07 -15.12
CA ASN B 85 15.35 9.11 -14.53
C ASN B 85 15.45 9.12 -12.99
N PHE B 86 14.53 9.82 -12.33
CA PHE B 86 14.50 9.91 -10.86
C PHE B 86 13.99 8.57 -10.28
N ASN B 87 14.90 7.71 -9.82
CA ASN B 87 14.50 6.39 -9.28
C ASN B 87 14.99 6.14 -7.85
N GLU B 88 15.98 6.91 -7.40
CA GLU B 88 16.53 6.72 -6.07
C GLU B 88 16.47 8.04 -5.33
N VAL B 89 16.22 7.99 -4.03
CA VAL B 89 16.16 9.19 -3.20
C VAL B 89 17.23 8.98 -2.14
N TYR B 90 18.13 9.96 -1.99
CA TYR B 90 19.21 9.90 -0.99
C TYR B 90 18.96 10.94 0.06
N ILE B 91 18.78 10.47 1.29
CA ILE B 91 18.49 11.35 2.42
C ILE B 91 19.68 11.35 3.37
N ILE B 92 20.19 12.54 3.65
CA ILE B 92 21.33 12.68 4.55
C ILE B 92 20.79 13.19 5.88
N GLN B 93 20.94 12.40 6.93
CA GLN B 93 20.41 12.77 8.24
C GLN B 93 21.40 12.45 9.36
N GLU B 94 21.07 12.87 10.57
CA GLU B 94 22.00 12.64 11.65
C GLU B 94 22.15 11.17 12.02
N LEU B 95 23.39 10.81 12.30
CA LEU B 95 23.77 9.46 12.69
C LEU B 95 23.38 9.20 14.15
N MET B 96 22.69 8.10 14.39
CA MET B 96 22.32 7.71 15.76
C MET B 96 22.92 6.30 15.88
N GLN B 97 23.51 5.99 17.03
CA GLN B 97 24.15 4.70 17.26
C GLN B 97 23.25 3.48 17.49
N THR B 98 22.15 3.67 18.20
CA THR B 98 21.31 2.52 18.53
C THR B 98 19.85 2.95 18.70
N ASP B 99 19.02 2.11 19.31
CA ASP B 99 17.63 2.48 19.52
C ASP B 99 17.20 1.89 20.89
N LEU B 100 16.02 2.30 21.38
CA LEU B 100 15.62 1.87 22.71
C LEU B 100 15.39 0.37 22.82
N HIS B 101 14.97 -0.25 21.73
CA HIS B 101 14.75 -1.68 21.76
C HIS B 101 16.08 -2.42 21.99
N ARG B 102 17.11 -2.03 21.24
CA ARG B 102 18.42 -2.65 21.40
C ARG B 102 19.01 -2.39 22.78
N VAL B 103 18.83 -1.19 23.30
CA VAL B 103 19.34 -0.85 24.62
C VAL B 103 18.68 -1.71 25.70
N ILE B 104 17.35 -1.77 25.70
CA ILE B 104 16.63 -2.56 26.71
C ILE B 104 17.02 -4.03 26.62
N SER B 105 17.09 -4.51 25.39
CA SER B 105 17.42 -5.90 25.12
C SER B 105 18.77 -6.33 25.67
N THR B 106 19.73 -5.42 25.67
CA THR B 106 21.07 -5.80 26.08
C THR B 106 21.59 -5.33 27.44
N GLN B 107 20.82 -4.52 28.16
CA GLN B 107 21.28 -4.08 29.47
C GLN B 107 20.16 -3.59 30.39
N MET B 108 20.36 -3.77 31.69
CA MET B 108 19.40 -3.29 32.67
C MET B 108 19.67 -1.79 32.69
N LEU B 109 18.64 -0.96 32.89
CA LEU B 109 18.87 0.49 32.95
C LEU B 109 18.62 1.02 34.36
N SER B 110 19.36 2.05 34.73
CA SER B 110 19.20 2.67 36.04
C SER B 110 17.85 3.38 36.04
N ASP B 111 17.27 3.60 37.22
CA ASP B 111 16.00 4.29 37.25
C ASP B 111 16.16 5.69 36.69
N ASP B 112 17.35 6.27 36.85
CA ASP B 112 17.60 7.62 36.31
C ASP B 112 17.53 7.60 34.78
N HIS B 113 18.10 6.57 34.15
CA HIS B 113 18.06 6.45 32.69
C HIS B 113 16.63 6.19 32.20
N ILE B 114 15.86 5.40 32.95
CA ILE B 114 14.47 5.13 32.56
C ILE B 114 13.72 6.46 32.55
N GLN B 115 13.91 7.24 33.61
CA GLN B 115 13.29 8.57 33.68
C GLN B 115 13.72 9.45 32.51
N TYR B 116 15.02 9.47 32.23
CA TYR B 116 15.53 10.31 31.16
C TYR B 116 15.05 9.92 29.75
N PHE B 117 14.94 8.62 29.48
CA PHE B 117 14.48 8.18 28.18
C PHE B 117 12.99 8.42 27.99
N ILE B 118 12.18 8.12 29.01
CA ILE B 118 10.74 8.36 28.85
C ILE B 118 10.49 9.88 28.82
N TYR B 119 11.28 10.63 29.58
CA TYR B 119 11.16 12.11 29.59
C TYR B 119 11.35 12.65 28.18
N GLN B 120 12.47 12.27 27.56
CA GLN B 120 12.78 12.70 26.20
C GLN B 120 11.70 12.31 25.18
N THR B 121 11.19 11.10 25.32
CA THR B 121 10.14 10.61 24.42
C THR B 121 8.90 11.51 24.58
N LEU B 122 8.53 11.77 25.81
CA LEU B 122 7.36 12.62 26.06
C LEU B 122 7.57 14.07 25.60
N ARG B 123 8.81 14.53 25.65
CA ARG B 123 9.11 15.89 25.23
C ARG B 123 8.85 15.96 23.71
N ALA B 124 9.21 14.89 22.99
CA ALA B 124 8.95 14.85 21.55
C ALA B 124 7.43 14.82 21.29
N VAL B 125 6.72 13.95 22.01
CA VAL B 125 5.28 13.84 21.82
C VAL B 125 4.59 15.17 22.10
N LYS B 126 5.04 15.90 23.13
CA LYS B 126 4.42 17.19 23.42
C LYS B 126 4.53 18.16 22.23
N VAL B 127 5.73 18.30 21.64
CA VAL B 127 5.87 19.22 20.50
C VAL B 127 5.12 18.72 19.27
N LEU B 128 5.03 17.40 19.09
CA LEU B 128 4.29 16.87 17.94
C LEU B 128 2.79 17.18 18.10
N HIS B 129 2.24 16.78 19.24
CA HIS B 129 0.81 17.01 19.52
C HIS B 129 0.44 18.48 19.53
N GLY B 130 1.38 19.30 19.99
CA GLY B 130 1.17 20.74 20.03
C GLY B 130 1.15 21.34 18.63
N SER B 131 1.73 20.61 17.67
CA SER B 131 1.77 21.03 16.26
C SER B 131 0.68 20.31 15.43
N ASN B 132 -0.21 19.59 16.11
CA ASN B 132 -1.32 18.84 15.48
C ASN B 132 -0.86 17.59 14.75
N VAL B 133 0.32 17.09 15.13
CA VAL B 133 0.87 15.87 14.54
C VAL B 133 0.77 14.68 15.51
N ILE B 134 0.22 13.56 15.07
CA ILE B 134 0.23 12.35 15.91
C ILE B 134 1.09 11.34 15.15
N HIS B 135 1.97 10.63 15.88
CA HIS B 135 2.90 9.67 15.30
C HIS B 135 2.20 8.37 14.91
N ARG B 136 1.39 7.86 15.84
CA ARG B 136 0.56 6.64 15.68
C ARG B 136 1.27 5.30 15.57
N ASP B 137 2.58 5.27 15.68
CA ASP B 137 3.26 3.96 15.61
C ASP B 137 4.51 3.99 16.46
N LEU B 138 4.41 4.64 17.62
CA LEU B 138 5.55 4.74 18.54
C LEU B 138 5.88 3.38 19.15
N LYS B 139 7.17 3.05 19.25
CA LYS B 139 7.61 1.78 19.83
C LYS B 139 9.10 1.94 20.10
N PRO B 140 9.70 1.08 20.95
CA PRO B 140 11.13 1.23 21.24
C PRO B 140 12.07 1.32 20.05
N SER B 141 11.77 0.56 18.99
CA SER B 141 12.66 0.61 17.83
C SER B 141 12.57 1.92 17.04
N ASN B 142 11.57 2.76 17.33
CA ASN B 142 11.42 4.07 16.66
C ASN B 142 12.03 5.18 17.51
N LEU B 143 12.63 4.81 18.62
CA LEU B 143 13.24 5.81 19.50
C LEU B 143 14.76 5.61 19.37
N LEU B 144 15.39 6.43 18.57
CA LEU B 144 16.84 6.30 18.33
C LEU B 144 17.64 6.94 19.45
N ILE B 145 18.81 6.38 19.72
CA ILE B 145 19.63 6.87 20.81
C ILE B 145 21.09 6.92 20.37
N ASN B 146 21.82 7.94 20.82
CA ASN B 146 23.23 8.01 20.47
C ASN B 146 24.05 7.81 21.75
N SER B 147 25.37 7.88 21.62
CA SER B 147 26.27 7.65 22.74
C SER B 147 26.14 8.54 23.96
N ASN B 148 25.69 9.78 23.80
CA ASN B 148 25.56 10.61 25.00
C ASN B 148 24.12 10.56 25.54
N CYS B 149 23.39 9.53 25.13
CA CYS B 149 22.03 9.28 25.58
C CYS B 149 20.92 10.21 25.08
N ASP B 150 21.16 10.92 23.99
CA ASP B 150 20.11 11.76 23.42
C ASP B 150 19.12 10.77 22.79
N LEU B 151 17.83 11.01 22.95
CA LEU B 151 16.84 10.14 22.33
C LEU B 151 16.07 10.97 21.32
N LYS B 152 15.85 10.42 20.13
CA LYS B 152 15.10 11.14 19.11
C LYS B 152 14.15 10.23 18.36
N VAL B 153 12.91 10.70 18.17
CA VAL B 153 11.88 9.94 17.48
C VAL B 153 12.08 9.98 15.96
N CYS B 154 11.74 8.89 15.28
CA CYS B 154 11.82 8.83 13.78
C CYS B 154 10.67 7.91 13.34
N ASP B 155 10.60 7.57 12.05
CA ASP B 155 9.55 6.65 11.56
C ASP B 155 8.13 7.25 11.64
N PHE B 156 7.89 8.31 10.87
CA PHE B 156 6.59 8.97 10.82
C PHE B 156 5.71 8.45 9.67
N GLY B 157 5.93 7.20 9.27
CA GLY B 157 5.18 6.63 8.16
C GLY B 157 3.67 6.56 8.35
N LEU B 158 3.23 6.37 9.60
CA LEU B 158 1.81 6.29 9.89
C LEU B 158 1.27 7.60 10.52
N ALA B 159 2.08 8.65 10.52
CA ALA B 159 1.67 9.92 11.12
C ALA B 159 0.54 10.61 10.34
N ARG B 160 -0.20 11.46 11.04
CA ARG B 160 -1.31 12.21 10.47
C ARG B 160 -1.34 13.59 11.12
N ILE B 161 -1.98 14.54 10.44
CA ILE B 161 -2.17 15.88 10.99
C ILE B 161 -3.62 15.82 11.49
N ILE B 162 -3.83 16.15 12.76
CA ILE B 162 -5.13 16.11 13.41
C ILE B 162 -5.85 17.44 13.33
N ASP B 163 -7.18 17.37 13.22
CA ASP B 163 -8.05 18.54 13.14
C ASP B 163 -7.58 19.65 12.22
N VAL B 180 -7.40 -0.10 4.08
CA VAL B 180 -7.20 -0.55 5.47
C VAL B 180 -5.76 -0.24 5.85
N GLU B 181 -5.51 0.05 7.13
CA GLU B 181 -4.16 0.37 7.55
C GLU B 181 -3.33 -0.87 7.89
N PHE B 182 -2.01 -0.76 7.69
CA PHE B 182 -1.07 -1.84 7.96
C PHE B 182 -0.04 -1.44 9.01
N VAL B 183 0.11 -2.24 10.06
CA VAL B 183 1.08 -1.99 11.13
C VAL B 183 2.00 -3.20 11.26
N ALA B 184 3.20 -3.03 11.82
CA ALA B 184 4.09 -4.18 11.98
C ALA B 184 3.46 -5.09 13.05
N THR B 185 3.08 -4.50 14.18
CA THR B 185 2.40 -5.24 15.25
C THR B 185 1.52 -4.26 15.99
N ARG B 186 0.57 -4.76 16.78
CA ARG B 186 -0.30 -3.86 17.52
C ARG B 186 0.05 -3.91 19.00
N TRP B 187 1.27 -4.32 19.32
CA TRP B 187 1.68 -4.42 20.71
C TRP B 187 1.65 -3.11 21.49
N TYR B 188 1.80 -1.99 20.77
CA TYR B 188 1.80 -0.66 21.38
C TYR B 188 0.54 0.14 21.02
N ARG B 189 -0.46 -0.55 20.48
CA ARG B 189 -1.70 0.13 20.09
C ARG B 189 -2.75 0.17 21.18
N ALA B 190 -3.37 1.34 21.35
CA ALA B 190 -4.40 1.58 22.36
C ALA B 190 -5.66 0.76 22.09
N PRO B 191 -6.30 0.26 23.15
CA PRO B 191 -7.50 -0.57 23.00
C PRO B 191 -8.67 0.10 22.31
N GLU B 192 -8.89 1.39 22.53
CA GLU B 192 -10.02 2.04 21.86
C GLU B 192 -9.73 2.22 20.37
N VAL B 193 -8.44 2.27 20.01
CA VAL B 193 -8.07 2.40 18.59
C VAL B 193 -8.47 1.09 17.93
N MET B 194 -8.14 -0.01 18.58
CA MET B 194 -8.46 -1.34 18.07
C MET B 194 -9.97 -1.60 17.97
N LEU B 195 -10.73 -1.09 18.94
CA LEU B 195 -12.17 -1.37 19.03
C LEU B 195 -13.09 -0.39 18.36
N THR B 196 -12.53 0.70 17.88
CA THR B 196 -13.37 1.76 17.38
C THR B 196 -12.80 2.44 16.15
N SER B 197 -13.55 3.38 15.60
CA SER B 197 -13.07 4.10 14.42
C SER B 197 -12.21 5.30 14.86
N ALA B 198 -12.02 5.49 16.16
CA ALA B 198 -11.23 6.63 16.65
C ALA B 198 -9.75 6.25 16.66
N LYS B 199 -9.19 6.08 15.48
CA LYS B 199 -7.81 5.67 15.35
C LYS B 199 -6.84 6.84 15.08
N TYR B 200 -7.28 8.07 15.34
CA TYR B 200 -6.45 9.24 15.06
C TYR B 200 -6.45 10.26 16.19
N SER B 201 -6.11 9.86 17.40
CA SER B 201 -6.13 10.79 18.55
C SER B 201 -4.76 11.04 19.13
N ARG B 202 -4.63 12.05 19.98
CA ARG B 202 -3.36 12.31 20.66
C ARG B 202 -3.23 11.19 21.72
N ALA B 203 -4.36 10.81 22.30
CA ALA B 203 -4.37 9.79 23.34
C ALA B 203 -3.70 8.48 22.96
N MET B 204 -3.80 8.08 21.70
CA MET B 204 -3.21 6.81 21.28
C MET B 204 -1.68 6.83 21.41
N ASP B 205 -1.06 7.97 21.15
CA ASP B 205 0.40 8.08 21.30
C ASP B 205 0.79 7.96 22.79
N VAL B 206 -0.03 8.48 23.71
CA VAL B 206 0.34 8.38 25.12
C VAL B 206 0.24 6.94 25.60
N TRP B 207 -0.74 6.20 25.07
CA TRP B 207 -0.87 4.79 25.42
C TRP B 207 0.42 4.07 25.02
N SER B 208 0.90 4.37 23.82
CA SER B 208 2.11 3.74 23.34
C SER B 208 3.26 4.06 24.27
N CYS B 209 3.32 5.32 24.71
CA CYS B 209 4.39 5.72 25.63
C CYS B 209 4.30 4.94 26.93
N GLY B 210 3.07 4.66 27.36
CA GLY B 210 2.91 3.87 28.58
C GLY B 210 3.46 2.45 28.37
N CYS B 211 3.19 1.86 27.20
CA CYS B 211 3.67 0.50 26.90
C CYS B 211 5.20 0.51 26.87
N ILE B 212 5.76 1.61 26.37
CA ILE B 212 7.22 1.74 26.30
C ILE B 212 7.80 1.86 27.71
N LEU B 213 7.11 2.62 28.57
CA LEU B 213 7.57 2.77 29.95
C LEU B 213 7.54 1.41 30.64
N ALA B 214 6.45 0.66 30.44
CA ALA B 214 6.35 -0.65 31.06
C ALA B 214 7.52 -1.52 30.59
N GLU B 215 7.81 -1.45 29.29
CA GLU B 215 8.89 -2.26 28.73
C GLU B 215 10.24 -1.89 29.34
N LEU B 216 10.43 -0.61 29.65
CA LEU B 216 11.66 -0.15 30.30
C LEU B 216 11.81 -0.81 31.69
N PHE B 217 10.71 -0.93 32.43
CA PHE B 217 10.75 -1.57 33.76
C PHE B 217 10.88 -3.08 33.70
N LEU B 218 10.15 -3.72 32.79
CA LEU B 218 10.11 -5.19 32.67
C LEU B 218 11.16 -5.83 31.76
N ARG B 219 11.72 -5.02 30.87
CA ARG B 219 12.69 -5.45 29.88
C ARG B 219 12.08 -6.43 28.88
N ARG B 220 10.76 -6.33 28.70
CA ARG B 220 10.04 -7.12 27.72
C ARG B 220 8.75 -6.39 27.46
N PRO B 221 8.15 -6.56 26.27
CA PRO B 221 6.88 -5.88 25.94
C PRO B 221 5.82 -6.33 26.92
N ILE B 222 5.01 -5.39 27.39
CA ILE B 222 3.97 -5.75 28.34
C ILE B 222 2.74 -6.39 27.71
N PHE B 223 2.40 -6.02 26.47
CA PHE B 223 1.24 -6.63 25.80
C PHE B 223 1.61 -7.27 24.45
N PRO B 224 2.42 -8.33 24.44
CA PRO B 224 2.76 -8.93 23.14
C PRO B 224 1.69 -9.88 22.61
N GLY B 225 0.57 -9.34 22.15
CA GLY B 225 -0.47 -10.22 21.64
C GLY B 225 -0.15 -10.99 20.36
N ARG B 226 -0.66 -12.20 20.26
CA ARG B 226 -0.49 -13.06 19.07
C ARG B 226 -1.45 -12.71 17.93
N ASP B 227 -2.58 -12.10 18.29
CA ASP B 227 -3.58 -11.69 17.31
C ASP B 227 -4.49 -10.65 17.94
N TYR B 228 -5.46 -10.14 17.19
CA TYR B 228 -6.38 -9.11 17.67
C TYR B 228 -7.03 -9.43 19.03
N ARG B 229 -7.67 -10.60 19.14
CA ARG B 229 -8.34 -10.97 20.39
C ARG B 229 -7.38 -11.14 21.56
N HIS B 230 -6.27 -11.82 21.31
CA HIS B 230 -5.26 -12.03 22.35
C HIS B 230 -4.69 -10.67 22.84
N GLN B 231 -4.50 -9.73 21.92
CA GLN B 231 -4.02 -8.40 22.30
C GLN B 231 -4.94 -7.75 23.36
N LEU B 232 -6.24 -7.76 23.08
CA LEU B 232 -7.21 -7.20 24.03
C LEU B 232 -7.22 -8.00 25.32
N LEU B 233 -7.07 -9.33 25.25
CA LEU B 233 -7.06 -10.16 26.46
C LEU B 233 -5.89 -9.77 27.35
N LEU B 234 -4.71 -9.56 26.74
CA LEU B 234 -3.54 -9.17 27.54
C LEU B 234 -3.74 -7.78 28.15
N ILE B 235 -4.24 -6.84 27.35
CA ILE B 235 -4.45 -5.49 27.85
C ILE B 235 -5.40 -5.48 29.06
N PHE B 236 -6.57 -6.09 28.92
CA PHE B 236 -7.53 -6.08 30.02
C PHE B 236 -7.05 -6.87 31.22
N GLY B 237 -6.16 -7.84 30.99
CA GLY B 237 -5.62 -8.61 32.09
C GLY B 237 -4.81 -7.73 33.03
N ILE B 238 -4.31 -6.60 32.52
CA ILE B 238 -3.52 -5.68 33.33
C ILE B 238 -4.36 -4.46 33.76
N ILE B 239 -5.00 -3.79 32.81
CA ILE B 239 -5.75 -2.59 33.19
C ILE B 239 -7.15 -2.85 33.71
N GLY B 240 -7.64 -4.08 33.53
CA GLY B 240 -8.98 -4.41 33.98
C GLY B 240 -9.95 -4.21 32.83
N THR B 241 -10.97 -5.06 32.75
CA THR B 241 -11.96 -4.94 31.67
C THR B 241 -12.97 -3.84 31.96
N PRO B 242 -13.14 -2.89 31.03
CA PRO B 242 -14.08 -1.78 31.21
C PRO B 242 -15.51 -2.29 31.18
N HIS B 243 -16.34 -1.77 32.08
CA HIS B 243 -17.73 -2.21 32.15
C HIS B 243 -18.72 -1.13 32.61
N SER B 244 -18.23 -0.09 33.28
CA SER B 244 -19.12 0.99 33.72
C SER B 244 -19.43 1.88 32.53
N ASP B 245 -20.50 2.66 32.63
CA ASP B 245 -20.92 3.54 31.55
C ASP B 245 -19.87 4.61 31.24
N ASN B 246 -19.11 5.00 32.26
CA ASN B 246 -18.07 5.99 32.04
C ASN B 246 -16.92 5.30 31.33
N ASP B 247 -16.68 4.05 31.71
CA ASP B 247 -15.61 3.24 31.12
C ASP B 247 -15.90 3.16 29.62
N LEU B 248 -17.09 2.64 29.33
CA LEU B 248 -17.55 2.42 27.98
C LEU B 248 -18.01 3.65 27.21
N ARG B 249 -17.90 4.83 27.81
CA ARG B 249 -18.33 6.05 27.13
C ARG B 249 -17.79 6.16 25.72
N CYS B 250 -16.48 5.96 25.56
CA CYS B 250 -15.86 6.06 24.24
C CYS B 250 -16.20 4.93 23.27
N ILE B 251 -16.98 3.94 23.69
CA ILE B 251 -17.32 2.84 22.80
C ILE B 251 -18.80 2.93 22.43
N GLU B 252 -19.10 3.68 21.39
CA GLU B 252 -20.46 3.91 20.93
C GLU B 252 -21.09 2.73 20.18
N SER B 253 -20.25 1.92 19.55
CA SER B 253 -20.74 0.78 18.78
C SER B 253 -21.24 -0.40 19.61
N PRO B 254 -22.50 -0.83 19.38
CA PRO B 254 -23.06 -1.95 20.13
C PRO B 254 -22.27 -3.23 19.84
N ARG B 255 -21.74 -3.34 18.62
CA ARG B 255 -20.97 -4.51 18.22
C ARG B 255 -19.64 -4.57 18.98
N ALA B 256 -19.04 -3.43 19.25
CA ALA B 256 -17.78 -3.40 19.99
C ALA B 256 -18.09 -3.67 21.46
N ARG B 257 -19.23 -3.19 21.94
CA ARG B 257 -19.56 -3.44 23.34
C ARG B 257 -19.77 -4.93 23.59
N GLU B 258 -20.41 -5.60 22.63
CA GLU B 258 -20.65 -7.04 22.75
C GLU B 258 -19.31 -7.77 22.70
N TYR B 259 -18.41 -7.29 21.85
CA TYR B 259 -17.12 -7.91 21.74
C TYR B 259 -16.41 -7.86 23.10
N ILE B 260 -16.43 -6.71 23.75
CA ILE B 260 -15.80 -6.58 25.06
C ILE B 260 -16.42 -7.59 26.04
N LYS B 261 -17.74 -7.78 25.97
CA LYS B 261 -18.41 -8.75 26.85
C LYS B 261 -18.01 -10.20 26.58
N SER B 262 -17.53 -10.51 25.38
CA SER B 262 -17.12 -11.88 25.05
C SER B 262 -15.78 -12.19 25.74
N LEU B 263 -15.16 -11.15 26.28
CA LEU B 263 -13.87 -11.32 26.95
C LEU B 263 -14.08 -11.51 28.46
N PRO B 264 -13.04 -11.97 29.17
CA PRO B 264 -13.18 -12.16 30.61
C PRO B 264 -13.38 -10.79 31.26
N MET B 265 -14.01 -10.78 32.43
CA MET B 265 -14.20 -9.53 33.16
C MET B 265 -13.09 -9.53 34.20
N TYR B 266 -11.95 -8.94 33.84
CA TYR B 266 -10.80 -8.90 34.72
C TYR B 266 -10.74 -7.67 35.59
N PRO B 267 -10.15 -7.80 36.79
CA PRO B 267 -10.04 -6.63 37.65
C PRO B 267 -8.67 -6.03 37.26
N ALA B 268 -8.41 -4.77 37.58
CA ALA B 268 -7.12 -4.16 37.28
C ALA B 268 -6.02 -4.85 38.09
N ALA B 269 -4.84 -5.07 37.49
CA ALA B 269 -3.75 -5.74 38.21
C ALA B 269 -3.01 -4.81 39.18
N PRO B 270 -2.60 -5.34 40.35
CA PRO B 270 -1.88 -4.57 41.38
C PRO B 270 -0.39 -4.45 41.04
N LEU B 271 -0.08 -3.57 40.09
CA LEU B 271 1.29 -3.40 39.61
C LEU B 271 2.33 -3.11 40.67
N GLU B 272 2.00 -2.22 41.60
CA GLU B 272 2.95 -1.88 42.67
C GLU B 272 3.35 -3.09 43.50
N LYS B 273 2.41 -3.99 43.75
CA LYS B 273 2.70 -5.16 44.56
C LYS B 273 3.41 -6.20 43.73
N MET B 274 3.12 -6.20 42.43
CA MET B 274 3.73 -7.16 41.52
C MET B 274 5.20 -6.88 41.27
N PHE B 275 5.55 -5.60 41.13
CA PHE B 275 6.92 -5.20 40.87
C PHE B 275 7.39 -4.23 41.94
N PRO B 276 7.59 -4.75 43.17
CA PRO B 276 8.02 -3.97 44.32
C PRO B 276 9.32 -3.19 44.19
N ARG B 277 10.20 -3.59 43.27
CA ARG B 277 11.48 -2.87 43.14
C ARG B 277 11.42 -1.66 42.21
N VAL B 278 10.37 -1.56 41.41
CA VAL B 278 10.24 -0.43 40.51
C VAL B 278 9.86 0.81 41.32
N ASN B 279 10.35 1.96 40.90
CA ASN B 279 10.06 3.21 41.60
C ASN B 279 8.55 3.37 41.62
N PRO B 280 7.96 3.54 42.82
CA PRO B 280 6.51 3.69 42.96
C PRO B 280 5.95 4.86 42.15
N LYS B 281 6.76 5.91 41.97
CA LYS B 281 6.30 7.05 41.17
C LYS B 281 6.24 6.65 39.69
N GLY B 282 7.16 5.78 39.28
CA GLY B 282 7.17 5.31 37.91
C GLY B 282 5.92 4.49 37.65
N ILE B 283 5.56 3.63 38.60
CA ILE B 283 4.37 2.83 38.47
C ILE B 283 3.14 3.72 38.38
N ASP B 284 3.13 4.82 39.15
CA ASP B 284 1.98 5.72 39.13
C ASP B 284 1.86 6.39 37.75
N LEU B 285 2.97 6.85 37.18
CA LEU B 285 2.92 7.46 35.86
C LEU B 285 2.40 6.43 34.88
N LEU B 286 2.96 5.22 34.94
CA LEU B 286 2.55 4.12 34.04
C LEU B 286 1.03 3.89 34.14
N GLN B 287 0.49 3.87 35.34
CA GLN B 287 -0.94 3.65 35.49
C GLN B 287 -1.79 4.78 34.93
N ARG B 288 -1.25 6.00 34.91
CA ARG B 288 -1.98 7.14 34.35
C ARG B 288 -1.98 7.16 32.82
N MET B 289 -0.98 6.49 32.22
CA MET B 289 -0.86 6.39 30.76
C MET B 289 -1.63 5.18 30.21
N LEU B 290 -1.67 4.09 30.96
CA LEU B 290 -2.39 2.89 30.52
C LEU B 290 -3.82 2.90 31.06
N VAL B 291 -4.57 3.91 30.66
CA VAL B 291 -5.97 4.05 31.08
C VAL B 291 -6.84 3.82 29.86
N PHE B 292 -7.87 2.99 30.01
CA PHE B 292 -8.74 2.66 28.87
C PHE B 292 -9.43 3.88 28.21
N ASP B 293 -10.12 4.65 29.03
CA ASP B 293 -10.84 5.83 28.54
C ASP B 293 -9.81 6.87 28.12
N PRO B 294 -9.71 7.15 26.80
CA PRO B 294 -8.77 8.12 26.25
C PRO B 294 -8.91 9.53 26.82
N ALA B 295 -10.11 9.88 27.28
CA ALA B 295 -10.34 11.21 27.85
C ALA B 295 -9.74 11.34 29.25
N LYS B 296 -9.57 10.21 29.94
CA LYS B 296 -9.00 10.23 31.27
C LYS B 296 -7.49 9.93 31.25
N ARG B 297 -6.98 9.49 30.10
CA ARG B 297 -5.55 9.19 29.97
C ARG B 297 -4.78 10.52 30.06
N ILE B 298 -3.65 10.50 30.77
CA ILE B 298 -2.80 11.69 30.97
C ILE B 298 -2.31 12.19 29.60
N THR B 299 -2.07 13.50 29.46
CA THR B 299 -1.59 14.04 28.19
C THR B 299 -0.07 14.07 28.30
N ALA B 300 0.62 14.28 27.19
CA ALA B 300 2.09 14.36 27.21
C ALA B 300 2.55 15.53 28.11
N LYS B 301 1.93 16.68 27.97
CA LYS B 301 2.31 17.84 28.79
C LYS B 301 2.14 17.50 30.29
N GLU B 302 1.02 16.86 30.64
CA GLU B 302 0.79 16.47 32.04
C GLU B 302 1.79 15.42 32.51
N ALA B 303 2.17 14.50 31.61
CA ALA B 303 3.14 13.47 32.00
C ALA B 303 4.49 14.07 32.36
N LEU B 304 4.89 15.11 31.62
CA LEU B 304 6.18 15.78 31.85
C LEU B 304 6.18 16.45 33.23
N GLU B 305 4.99 16.83 33.69
CA GLU B 305 4.83 17.49 34.99
C GLU B 305 4.64 16.52 36.15
N HIS B 306 4.68 15.22 35.85
CA HIS B 306 4.49 14.19 36.86
C HIS B 306 5.74 14.03 37.75
N PRO B 307 5.53 13.78 39.05
CA PRO B 307 6.63 13.59 40.01
C PRO B 307 7.74 12.63 39.60
N TYR B 308 7.39 11.59 38.87
CA TYR B 308 8.42 10.65 38.46
C TYR B 308 9.48 11.35 37.61
N LEU B 309 9.09 12.40 36.89
CA LEU B 309 10.04 13.09 36.03
C LEU B 309 10.55 14.43 36.56
N GLN B 310 10.42 14.68 37.86
CA GLN B 310 10.89 15.97 38.42
C GLN B 310 12.36 16.31 38.18
N THR B 311 13.22 15.31 38.18
CA THR B 311 14.63 15.58 37.93
C THR B 311 14.85 16.26 36.57
N TYR B 312 14.08 15.86 35.55
CA TYR B 312 14.27 16.44 34.23
C TYR B 312 13.30 17.54 33.77
N HIS B 313 12.13 17.61 34.37
CA HIS B 313 11.14 18.60 33.98
C HIS B 313 11.56 20.06 34.12
N ASP B 314 11.35 20.83 33.05
CA ASP B 314 11.63 22.27 33.02
C ASP B 314 10.59 22.89 32.10
N PRO B 315 9.54 23.48 32.67
CA PRO B 315 8.47 24.08 31.88
C PRO B 315 8.91 25.12 30.84
N ASN B 316 10.12 25.67 31.00
CA ASN B 316 10.63 26.65 30.06
C ASN B 316 11.43 26.06 28.91
N ASP B 317 11.66 24.76 28.95
CA ASP B 317 12.44 24.12 27.90
C ASP B 317 11.71 22.88 27.38
N GLU B 318 10.40 23.01 27.14
CA GLU B 318 9.57 21.93 26.62
C GLU B 318 8.66 22.54 25.56
N PRO B 319 9.21 22.74 24.34
CA PRO B 319 8.50 23.33 23.20
C PRO B 319 7.07 22.81 23.04
N GLU B 320 6.18 23.75 22.81
CA GLU B 320 4.75 23.49 22.64
C GLU B 320 4.43 23.25 21.18
N GLY B 321 5.31 23.70 20.30
CA GLY B 321 5.09 23.50 18.87
C GLY B 321 4.38 24.66 18.20
N GLU B 322 3.99 24.43 16.96
CA GLU B 322 3.34 25.43 16.11
C GLU B 322 2.32 24.64 15.29
N PRO B 323 1.05 25.07 15.23
CA PRO B 323 0.03 24.33 14.47
C PRO B 323 0.32 24.13 13.00
N ILE B 324 0.19 22.90 12.56
CA ILE B 324 0.39 22.55 11.16
C ILE B 324 -1.03 22.27 10.64
N PRO B 325 -1.39 22.84 9.48
CA PRO B 325 -2.72 22.63 8.90
C PRO B 325 -2.85 21.28 8.20
N PRO B 326 -4.09 20.78 8.09
CA PRO B 326 -4.33 19.50 7.44
C PRO B 326 -3.74 19.41 6.03
N SER B 327 -3.69 20.53 5.31
CA SER B 327 -3.17 20.57 3.94
C SER B 327 -1.70 20.18 3.85
N PHE B 328 -1.04 20.11 4.99
CA PHE B 328 0.37 19.69 5.04
C PHE B 328 0.39 18.28 4.45
N PHE B 329 -0.65 17.48 4.74
CA PHE B 329 -0.79 16.13 4.17
C PHE B 329 -2.09 16.12 3.34
N GLU B 330 -2.18 17.00 2.35
CA GLU B 330 -3.39 17.12 1.55
C GLU B 330 -3.95 15.79 1.02
N PHE B 331 -3.08 14.89 0.60
CA PHE B 331 -3.51 13.61 0.05
C PHE B 331 -4.36 12.76 1.00
N ASP B 332 -4.29 13.05 2.30
CA ASP B 332 -5.09 12.29 3.27
C ASP B 332 -6.53 12.77 3.25
N HIS B 333 -6.83 13.78 2.43
CA HIS B 333 -8.18 14.31 2.36
C HIS B 333 -8.86 14.18 1.02
N TYR B 334 -8.22 13.50 0.09
CA TYR B 334 -8.82 13.31 -1.22
C TYR B 334 -8.96 11.82 -1.47
N LYS B 335 -10.11 11.45 -2.00
CA LYS B 335 -10.43 10.06 -2.26
C LYS B 335 -9.85 9.52 -3.57
N GLU B 336 -9.58 10.41 -4.53
CA GLU B 336 -9.05 10.00 -5.84
C GLU B 336 -7.77 9.20 -5.67
N ALA B 337 -7.62 8.17 -6.48
CA ALA B 337 -6.42 7.34 -6.42
C ALA B 337 -5.18 8.14 -6.80
N LEU B 338 -4.05 7.81 -6.19
CA LEU B 338 -2.81 8.49 -6.54
C LEU B 338 -2.07 7.57 -7.48
N THR B 339 -1.41 8.14 -8.48
CA THR B 339 -0.66 7.36 -9.44
C THR B 339 0.83 7.37 -9.09
N THR B 340 1.61 6.58 -9.80
CA THR B 340 3.06 6.52 -9.59
C THR B 340 3.66 7.88 -9.90
N LYS B 341 3.26 8.47 -11.01
CA LYS B 341 3.79 9.79 -11.36
C LYS B 341 3.37 10.79 -10.28
N ASP B 342 2.13 10.71 -9.78
CA ASP B 342 1.69 11.63 -8.71
C ASP B 342 2.65 11.56 -7.50
N LEU B 343 2.96 10.33 -7.07
CA LEU B 343 3.86 10.15 -5.93
C LEU B 343 5.25 10.67 -6.21
N LYS B 344 5.78 10.44 -7.42
CA LYS B 344 7.11 10.95 -7.76
C LYS B 344 7.09 12.47 -7.69
N LYS B 345 6.03 13.07 -8.20
CA LYS B 345 5.89 14.51 -8.22
C LYS B 345 5.85 15.08 -6.82
N LEU B 346 5.12 14.43 -5.92
CA LEU B 346 5.05 14.92 -4.56
C LEU B 346 6.44 14.98 -3.90
N ILE B 347 7.23 13.90 -4.08
CA ILE B 347 8.55 13.85 -3.49
C ILE B 347 9.47 14.86 -4.16
N TRP B 348 9.41 14.89 -5.49
CA TRP B 348 10.22 15.84 -6.30
C TRP B 348 9.99 17.29 -5.85
N ASN B 349 8.71 17.67 -5.76
CA ASN B 349 8.35 19.01 -5.34
C ASN B 349 8.84 19.30 -3.95
N GLU B 350 8.79 18.28 -3.09
CA GLU B 350 9.25 18.45 -1.73
C GLU B 350 10.77 18.64 -1.73
N ILE B 351 11.48 17.85 -2.53
CA ILE B 351 12.94 17.99 -2.59
C ILE B 351 13.40 19.37 -3.10
N PHE B 352 12.72 19.91 -4.10
CA PHE B 352 13.08 21.20 -4.70
C PHE B 352 12.30 22.37 -4.12
N SER B 353 11.44 22.11 -3.15
CA SER B 353 10.63 23.16 -2.58
C SER B 353 11.06 23.26 -1.16
N PRO C 2 11.18 -33.01 -3.25
CA PRO C 2 12.12 -32.34 -2.31
C PRO C 2 12.54 -30.96 -2.81
N VAL C 3 12.45 -29.97 -1.92
CA VAL C 3 12.82 -28.60 -2.24
C VAL C 3 14.29 -28.30 -2.01
N GLU C 4 14.96 -27.83 -3.07
CA GLU C 4 16.37 -27.49 -3.01
C GLU C 4 16.56 -26.06 -3.50
N ARG C 5 17.68 -25.44 -3.12
CA ARG C 5 17.96 -24.08 -3.55
C ARG C 5 18.60 -24.11 -4.93
N GLN C 6 18.15 -23.22 -5.81
CA GLN C 6 18.67 -23.09 -7.16
C GLN C 6 19.04 -21.64 -7.36
N THR C 7 20.18 -21.40 -7.97
CA THR C 7 20.59 -20.02 -8.19
C THR C 7 20.67 -19.76 -9.68
N ILE C 8 20.44 -18.52 -10.06
CA ILE C 8 20.49 -18.13 -11.44
C ILE C 8 21.00 -16.70 -11.50
N TYR C 9 22.04 -16.49 -12.29
CA TYR C 9 22.59 -15.14 -12.43
C TYR C 9 21.96 -14.55 -13.70
N SER C 10 21.73 -13.24 -13.70
CA SER C 10 21.09 -12.58 -14.83
C SER C 10 21.98 -11.78 -15.79
N GLN C 11 21.43 -11.54 -16.99
CA GLN C 11 22.08 -10.78 -18.07
C GLN C 11 23.53 -10.43 -17.78
N ILE C 20 7.47 -14.09 -32.83
CA ILE C 20 6.79 -13.92 -34.11
C ILE C 20 5.27 -14.05 -33.95
N LEU C 21 4.54 -12.96 -34.20
CA LEU C 21 3.09 -12.97 -34.05
C LEU C 21 2.34 -13.51 -35.28
N ALA C 22 1.73 -14.68 -35.12
CA ALA C 22 0.97 -15.29 -36.21
C ALA C 22 -0.25 -14.43 -36.52
N ALA C 23 -0.94 -14.76 -37.61
CA ALA C 23 -2.15 -14.02 -37.99
C ALA C 23 -3.26 -14.57 -37.09
N PRO C 24 -4.29 -13.77 -36.82
CA PRO C 24 -5.37 -14.27 -35.96
C PRO C 24 -6.12 -15.37 -36.71
N PRO C 25 -6.81 -16.26 -35.98
CA PRO C 25 -7.53 -17.31 -36.70
C PRO C 25 -8.60 -16.69 -37.61
N LYS C 26 -8.68 -17.18 -38.84
CA LYS C 26 -9.65 -16.69 -39.83
C LYS C 26 -11.07 -16.62 -39.26
N GLU C 27 -11.69 -17.78 -39.08
CA GLU C 27 -13.04 -17.85 -38.53
C GLU C 27 -12.88 -18.34 -37.08
N ARG C 28 -13.84 -18.00 -36.21
CA ARG C 28 -13.75 -18.42 -34.80
C ARG C 28 -13.23 -19.84 -34.64
#